data_5ITG
#
_entry.id   5ITG
#
_cell.length_a   148.996
_cell.length_b   72.996
_cell.length_c   97.269
_cell.angle_alpha   90.000
_cell.angle_beta   90.000
_cell.angle_gamma   90.000
#
_symmetry.space_group_name_H-M   'P 21 21 2'
#
loop_
_entity.id
_entity.type
_entity.pdbx_description
1 polymer 'Sorbitol dehydrogenase'
2 water water
#
_entity_poly.entity_id   1
_entity_poly.type   'polypeptide(L)'
_entity_poly.pdbx_seq_one_letter_code
;(MSE)ITRETLKSLPANVQAPPYDIDGIKPGIVHFGVGNFFRAHEAFYVEQILEHAPDWAIVGVGLTGSDRSKKKAEEFK
AQDCLYSLTETAPSGKSTVRV(MSE)GALRDYLLAPADPEAVLKHLVDPAIRIVS(MSE)TITEGGYNINETTGAFDLEN
AAVKADLKNPEKPSTVFGYVVEALRRRWDAGGKAFTV(MSE)SCDNLRHNGNVARKAFLGYAKARDPELAKWIEENATFP
NG(MSE)VDRITPTVSAEIAKKLNAASGLDDDLPLVAEDFHQWVLEDQFADGRPPLEKAGVQ(MSE)VGDVTDWEYVKIR
(MSE)LNAGHV(MSE)LCFPGILVGYENVDDAIEDSELLGNLKNYLNKDVIPTLKAPSG(MSE)TLEGYRDSVISRFSNK
A(MSE)SDQTLRIASDGCSKVQVFWTETVRRAIEDKRDLSRIAFGIASYLE(MSE)LRGRDEKGGTYESSEPTYGDAEWK
LAKADDFESSLKLPAFDGWRDLDTSELDQKVIVLRKIIREKGVKAAIP
;
_entity_poly.pdbx_strand_id   A,B
#
# COMPACT_ATOMS: atom_id res chain seq x y z
N ILE A 2 6.47 -20.36 -34.20
CA ILE A 2 7.60 -19.51 -34.50
C ILE A 2 7.12 -18.23 -35.19
N THR A 3 7.90 -17.17 -35.08
CA THR A 3 7.54 -15.89 -35.68
C THR A 3 8.13 -15.74 -37.08
N ARG A 4 7.25 -15.65 -38.08
CA ARG A 4 7.68 -15.49 -39.46
C ARG A 4 6.69 -14.63 -40.24
N GLU A 5 7.15 -14.08 -41.36
CA GLU A 5 6.32 -13.23 -42.20
C GLU A 5 5.04 -13.94 -42.64
N THR A 6 5.17 -15.22 -42.99
CA THR A 6 4.02 -16.00 -43.44
C THR A 6 3.21 -16.55 -42.27
N LEU A 7 3.90 -16.91 -41.19
CA LEU A 7 3.25 -17.47 -40.02
C LEU A 7 2.62 -16.42 -39.13
N LYS A 8 2.03 -15.39 -39.74
CA LYS A 8 1.39 -14.33 -38.98
C LYS A 8 -0.06 -14.63 -38.61
N SER A 9 -0.31 -15.88 -38.21
CA SER A 9 -1.63 -16.32 -37.78
C SER A 9 -1.53 -16.48 -36.26
N LEU A 10 -1.04 -15.41 -35.62
CA LEU A 10 -0.84 -15.37 -34.18
C LEU A 10 -2.11 -15.65 -33.38
N PRO A 11 -1.95 -16.13 -32.13
CA PRO A 11 -3.08 -16.43 -31.24
C PRO A 11 -3.94 -15.19 -31.04
N ALA A 12 -5.21 -15.40 -30.71
CA ALA A 12 -6.15 -14.31 -30.51
C ALA A 12 -5.66 -13.22 -29.55
N ASN A 13 -4.77 -13.58 -28.64
CA ASN A 13 -4.25 -12.63 -27.67
C ASN A 13 -3.09 -11.78 -28.19
N VAL A 14 -2.48 -12.21 -29.29
CA VAL A 14 -1.35 -11.51 -29.86
C VAL A 14 -1.77 -10.61 -31.03
N GLN A 15 -1.45 -9.32 -30.94
CA GLN A 15 -1.79 -8.39 -32.01
C GLN A 15 -0.71 -8.42 -33.08
N ALA A 16 -1.11 -8.21 -34.33
CA ALA A 16 -0.16 -8.21 -35.44
C ALA A 16 0.00 -6.77 -35.94
N PRO A 17 1.01 -6.53 -36.78
CA PRO A 17 1.21 -5.18 -37.30
C PRO A 17 -0.09 -4.66 -37.90
N PRO A 18 -0.53 -3.45 -37.50
CA PRO A 18 -1.77 -2.86 -38.03
C PRO A 18 -1.61 -2.20 -39.40
N TYR A 19 -1.01 -2.93 -40.34
CA TYR A 19 -0.80 -2.42 -41.69
C TYR A 19 -0.27 -3.54 -42.58
N ASP A 20 -0.32 -3.34 -43.89
CA ASP A 20 0.18 -4.35 -44.82
C ASP A 20 1.71 -4.30 -44.75
N ILE A 21 2.31 -5.33 -44.18
CA ILE A 21 3.77 -5.38 -44.06
C ILE A 21 4.48 -5.33 -45.40
N ASP A 22 3.78 -5.72 -46.47
CA ASP A 22 4.38 -5.71 -47.80
C ASP A 22 4.35 -4.33 -48.44
N GLY A 23 3.52 -3.45 -47.90
CA GLY A 23 3.40 -2.12 -48.47
C GLY A 23 4.33 -1.05 -47.92
N ILE A 24 4.94 -1.29 -46.77
CA ILE A 24 5.82 -0.28 -46.19
C ILE A 24 7.22 -0.26 -46.82
N LYS A 25 7.79 0.93 -46.90
CA LYS A 25 9.12 1.14 -47.47
C LYS A 25 10.00 1.92 -46.49
N PRO A 26 11.31 1.64 -46.49
CA PRO A 26 12.31 2.28 -45.61
C PRO A 26 12.39 3.81 -45.71
N GLY A 27 12.38 4.46 -44.54
CA GLY A 27 12.49 5.92 -44.50
C GLY A 27 13.45 6.35 -43.39
N ILE A 28 13.83 5.39 -42.55
CA ILE A 28 14.72 5.63 -41.43
C ILE A 28 15.78 4.56 -41.33
N VAL A 29 17.01 4.97 -41.02
CA VAL A 29 18.10 4.02 -40.80
C VAL A 29 18.44 4.22 -39.33
N HIS A 30 18.47 3.13 -38.57
CA HIS A 30 18.77 3.21 -37.14
C HIS A 30 20.05 2.49 -36.74
N PHE A 31 20.92 3.20 -36.04
CA PHE A 31 22.18 2.64 -35.56
C PHE A 31 22.03 2.20 -34.10
N GLY A 32 22.35 0.94 -33.83
CA GLY A 32 22.24 0.42 -32.47
C GLY A 32 20.86 -0.13 -32.20
N VAL A 33 20.59 -1.35 -32.68
CA VAL A 33 19.30 -1.98 -32.50
C VAL A 33 19.19 -2.70 -31.15
N GLY A 34 18.97 -1.92 -30.10
CA GLY A 34 18.85 -2.47 -28.77
C GLY A 34 17.40 -2.51 -28.33
N ASN A 35 17.17 -3.02 -27.13
CA ASN A 35 15.83 -3.16 -26.60
C ASN A 35 15.04 -1.86 -26.53
N PHE A 36 15.67 -0.79 -26.07
CA PHE A 36 14.97 0.48 -25.94
C PHE A 36 14.41 0.95 -27.29
N PHE A 37 15.25 0.90 -28.32
CA PHE A 37 14.85 1.29 -29.67
C PHE A 37 13.64 0.49 -30.11
N ARG A 38 13.72 -0.82 -29.93
CA ARG A 38 12.66 -1.73 -30.35
C ARG A 38 11.33 -1.53 -29.61
N ALA A 39 11.38 -1.01 -28.38
CA ALA A 39 10.17 -0.79 -27.58
C ALA A 39 9.72 0.66 -27.54
N HIS A 40 10.54 1.57 -28.07
CA HIS A 40 10.20 2.98 -28.04
C HIS A 40 10.10 3.55 -29.45
N GLU A 41 11.24 3.92 -30.05
CA GLU A 41 11.21 4.48 -31.41
C GLU A 41 10.44 3.58 -32.39
N ALA A 42 10.78 2.30 -32.43
CA ALA A 42 10.11 1.37 -33.34
C ALA A 42 8.63 1.29 -33.00
N PHE A 43 8.32 1.43 -31.72
CA PHE A 43 6.95 1.37 -31.21
C PHE A 43 6.08 2.50 -31.76
N TYR A 44 6.60 3.73 -31.72
CA TYR A 44 5.85 4.88 -32.23
C TYR A 44 5.69 4.82 -33.75
N VAL A 45 6.75 4.43 -34.45
CA VAL A 45 6.69 4.33 -35.90
C VAL A 45 5.64 3.29 -36.31
N GLU A 46 5.59 2.19 -35.58
CA GLU A 46 4.65 1.12 -35.84
C GLU A 46 3.21 1.63 -35.89
N GLN A 47 2.94 2.68 -35.12
CA GLN A 47 1.59 3.26 -35.05
C GLN A 47 1.24 4.31 -36.10
N ILE A 48 2.21 4.70 -36.93
CA ILE A 48 1.94 5.68 -37.97
C ILE A 48 2.21 5.10 -39.35
N LEU A 49 2.64 3.84 -39.40
CA LEU A 49 2.95 3.19 -40.66
C LEU A 49 1.70 2.95 -41.50
N GLU A 50 0.55 2.90 -40.84
CA GLU A 50 -0.72 2.70 -41.52
C GLU A 50 -1.17 4.02 -42.15
N HIS A 51 -0.48 5.09 -41.78
CA HIS A 51 -0.79 6.43 -42.28
C HIS A 51 0.22 6.86 -43.34
N ALA A 52 1.49 6.60 -43.04
CA ALA A 52 2.60 6.95 -43.93
C ALA A 52 3.51 5.73 -43.98
N PRO A 53 3.23 4.80 -44.89
CA PRO A 53 4.01 3.56 -45.07
C PRO A 53 5.46 3.70 -45.52
N ASP A 54 5.91 4.92 -45.81
CA ASP A 54 7.28 5.10 -46.26
C ASP A 54 8.28 5.39 -45.15
N TRP A 55 7.96 4.91 -43.95
CA TRP A 55 8.85 5.14 -42.81
C TRP A 55 9.34 3.87 -42.13
N ALA A 56 9.51 2.80 -42.91
CA ALA A 56 10.00 1.55 -42.36
C ALA A 56 11.39 1.84 -41.85
N ILE A 57 11.90 0.98 -40.97
CA ILE A 57 13.23 1.19 -40.41
C ILE A 57 14.24 0.14 -40.82
N VAL A 58 15.44 0.59 -41.22
CA VAL A 58 16.52 -0.32 -41.58
C VAL A 58 17.49 -0.25 -40.42
N GLY A 59 17.65 -1.34 -39.69
CA GLY A 59 18.55 -1.32 -38.54
C GLY A 59 19.99 -1.69 -38.87
N VAL A 60 20.93 -1.04 -38.18
CA VAL A 60 22.35 -1.30 -38.41
C VAL A 60 23.11 -1.52 -37.11
N GLY A 61 23.84 -2.63 -37.04
CA GLY A 61 24.65 -2.92 -35.87
C GLY A 61 26.06 -2.51 -36.21
N LEU A 62 26.76 -1.87 -35.28
CA LEU A 62 28.12 -1.40 -35.53
C LEU A 62 29.23 -2.42 -35.25
N THR A 63 28.94 -3.39 -34.39
CA THR A 63 29.94 -4.42 -34.05
C THR A 63 29.76 -5.69 -34.87
N GLY A 64 30.87 -6.33 -35.23
CA GLY A 64 30.81 -7.54 -36.01
C GLY A 64 31.26 -8.76 -35.23
N SER A 65 31.16 -8.69 -33.91
CA SER A 65 31.56 -9.80 -33.05
C SER A 65 30.80 -11.07 -33.43
N ASP A 66 31.22 -12.18 -32.85
CA ASP A 66 30.59 -13.47 -33.13
C ASP A 66 29.16 -13.44 -32.63
N ARG A 67 28.92 -12.68 -31.57
CA ARG A 67 27.59 -12.55 -30.98
C ARG A 67 26.70 -11.62 -31.81
N SER A 68 27.33 -10.67 -32.51
CA SER A 68 26.58 -9.74 -33.34
C SER A 68 25.98 -10.47 -34.54
N LYS A 69 26.80 -11.33 -35.15
CA LYS A 69 26.37 -12.09 -36.31
C LYS A 69 25.19 -13.01 -35.96
N LYS A 70 25.25 -13.60 -34.78
CA LYS A 70 24.19 -14.49 -34.31
C LYS A 70 22.88 -13.70 -34.21
N LYS A 71 22.95 -12.54 -33.55
CA LYS A 71 21.79 -11.67 -33.38
C LYS A 71 21.20 -11.31 -34.74
N ALA A 72 22.05 -10.87 -35.65
CA ALA A 72 21.61 -10.48 -36.99
C ALA A 72 20.95 -11.65 -37.71
N GLU A 73 21.47 -12.85 -37.48
CA GLU A 73 20.91 -14.05 -38.11
C GLU A 73 19.54 -14.37 -37.54
N GLU A 74 19.39 -14.22 -36.23
CA GLU A 74 18.12 -14.49 -35.58
C GLU A 74 17.03 -13.52 -36.05
N PHE A 75 17.44 -12.27 -36.29
CA PHE A 75 16.50 -11.24 -36.77
C PHE A 75 16.03 -11.60 -38.18
N LYS A 76 16.99 -11.81 -39.08
CA LYS A 76 16.67 -12.16 -40.45
C LYS A 76 15.81 -13.43 -40.50
N ALA A 77 16.08 -14.37 -39.59
CA ALA A 77 15.33 -15.62 -39.54
C ALA A 77 13.85 -15.40 -39.28
N GLN A 78 13.52 -14.37 -38.51
CA GLN A 78 12.13 -14.08 -38.21
C GLN A 78 11.60 -12.92 -39.03
N ASP A 79 12.26 -12.67 -40.17
CA ASP A 79 11.87 -11.58 -41.07
C ASP A 79 11.91 -10.25 -40.32
N CYS A 80 12.83 -10.17 -39.36
CA CYS A 80 13.02 -8.99 -38.52
C CYS A 80 11.84 -8.68 -37.61
N LEU A 81 10.88 -9.61 -37.56
CA LEU A 81 9.70 -9.46 -36.70
C LEU A 81 10.05 -9.91 -35.28
N TYR A 82 9.46 -9.26 -34.28
CA TYR A 82 9.71 -9.62 -32.89
C TYR A 82 8.48 -9.27 -32.06
N SER A 83 8.36 -9.87 -30.88
CA SER A 83 7.21 -9.59 -30.03
C SER A 83 7.54 -8.63 -28.92
N LEU A 84 6.60 -7.75 -28.63
CA LEU A 84 6.77 -6.77 -27.57
C LEU A 84 5.61 -6.91 -26.60
N THR A 85 5.94 -7.30 -25.37
CA THR A 85 4.94 -7.42 -24.33
C THR A 85 4.97 -6.10 -23.57
N GLU A 86 3.79 -5.56 -23.29
CA GLU A 86 3.67 -4.30 -22.55
C GLU A 86 2.92 -4.61 -21.25
N THR A 87 3.57 -4.39 -20.12
CA THR A 87 2.99 -4.69 -18.81
C THR A 87 2.63 -3.45 -17.99
N ALA A 88 1.36 -3.37 -17.59
CA ALA A 88 0.85 -2.25 -16.81
C ALA A 88 1.01 -2.49 -15.30
N PRO A 89 0.97 -1.43 -14.49
CA PRO A 89 1.11 -1.58 -13.03
C PRO A 89 0.02 -2.47 -12.43
N SER A 90 -1.09 -2.59 -13.15
CA SER A 90 -2.22 -3.42 -12.71
C SER A 90 -1.86 -4.89 -12.82
N GLY A 91 -0.74 -5.17 -13.48
CA GLY A 91 -0.30 -6.55 -13.64
C GLY A 91 -0.67 -7.12 -14.99
N LYS A 92 -1.63 -6.49 -15.64
CA LYS A 92 -2.10 -6.93 -16.95
C LYS A 92 -1.10 -6.59 -18.04
N SER A 93 -0.89 -7.52 -18.96
CA SER A 93 0.04 -7.33 -20.06
C SER A 93 -0.65 -7.62 -21.39
N THR A 94 -0.07 -7.08 -22.46
CA THR A 94 -0.59 -7.31 -23.81
C THR A 94 0.64 -7.58 -24.66
N VAL A 95 0.48 -8.32 -25.74
CA VAL A 95 1.62 -8.62 -26.60
C VAL A 95 1.30 -8.40 -28.08
N ARG A 96 2.29 -7.93 -28.82
CA ARG A 96 2.12 -7.65 -30.24
C ARG A 96 3.38 -7.97 -31.02
N VAL A 97 3.21 -8.29 -32.30
CA VAL A 97 4.33 -8.60 -33.17
C VAL A 97 4.60 -7.32 -33.95
N GLY A 99 6.37 -4.92 -36.75
CA GLY A 99 6.86 -5.05 -38.11
C GLY A 99 7.62 -3.87 -38.70
N ALA A 100 7.76 -2.78 -37.93
CA ALA A 100 8.46 -1.59 -38.41
C ALA A 100 9.90 -1.78 -38.87
N LEU A 101 10.63 -2.68 -38.23
CA LEU A 101 12.03 -2.95 -38.57
C LEU A 101 12.04 -3.93 -39.74
N ARG A 102 12.33 -3.44 -40.95
CA ARG A 102 12.30 -4.28 -42.13
C ARG A 102 13.61 -4.92 -42.57
N ASP A 103 14.72 -4.49 -41.98
CA ASP A 103 16.00 -5.08 -42.32
C ASP A 103 16.98 -4.82 -41.19
N TYR A 104 17.91 -5.74 -41.01
CA TYR A 104 18.93 -5.62 -39.97
C TYR A 104 20.27 -5.92 -40.61
N LEU A 105 21.12 -4.89 -40.72
CA LEU A 105 22.43 -5.06 -41.33
C LEU A 105 23.58 -4.95 -40.35
N LEU A 106 24.58 -5.79 -40.55
CA LEU A 106 25.78 -5.76 -39.74
C LEU A 106 26.77 -4.96 -40.58
N ALA A 107 27.02 -3.72 -40.18
CA ALA A 107 27.92 -2.82 -40.89
C ALA A 107 29.23 -3.48 -41.35
N PRO A 108 29.96 -4.12 -40.41
CA PRO A 108 31.22 -4.77 -40.78
C PRO A 108 31.11 -5.76 -41.94
N ALA A 109 30.00 -6.48 -42.03
CA ALA A 109 29.79 -7.47 -43.09
C ALA A 109 29.89 -6.85 -44.48
N ASP A 110 29.40 -5.61 -44.63
CA ASP A 110 29.46 -4.93 -45.92
C ASP A 110 29.22 -3.43 -45.76
N PRO A 111 30.30 -2.65 -45.54
CA PRO A 111 30.17 -1.21 -45.36
C PRO A 111 29.40 -0.51 -46.48
N GLU A 112 29.59 -0.94 -47.72
CA GLU A 112 28.90 -0.32 -48.85
C GLU A 112 27.38 -0.48 -48.73
N ALA A 113 26.95 -1.64 -48.23
CA ALA A 113 25.52 -1.93 -48.07
C ALA A 113 24.85 -0.91 -47.16
N VAL A 114 25.55 -0.50 -46.11
CA VAL A 114 25.03 0.48 -45.17
C VAL A 114 24.96 1.84 -45.83
N LEU A 115 26.03 2.19 -46.55
CA LEU A 115 26.11 3.48 -47.23
C LEU A 115 25.05 3.63 -48.31
N LYS A 116 24.68 2.53 -48.97
CA LYS A 116 23.66 2.58 -50.00
C LYS A 116 22.33 3.03 -49.39
N HIS A 117 22.01 2.48 -48.22
CA HIS A 117 20.77 2.87 -47.55
C HIS A 117 20.84 4.32 -47.13
N LEU A 118 21.98 4.71 -46.56
CA LEU A 118 22.21 6.06 -46.09
C LEU A 118 22.10 7.14 -47.16
N VAL A 119 22.44 6.81 -48.41
CA VAL A 119 22.36 7.81 -49.48
C VAL A 119 21.04 7.82 -50.22
N ASP A 120 20.21 6.79 -49.99
CA ASP A 120 18.91 6.70 -50.66
C ASP A 120 18.03 7.89 -50.29
N PRO A 121 17.49 8.59 -51.30
CA PRO A 121 16.63 9.75 -51.09
C PRO A 121 15.42 9.49 -50.19
N ALA A 122 14.96 8.25 -50.15
CA ALA A 122 13.81 7.89 -49.32
C ALA A 122 14.17 7.88 -47.83
N ILE A 123 15.46 7.70 -47.54
CA ILE A 123 15.92 7.72 -46.16
C ILE A 123 16.07 9.19 -45.77
N ARG A 124 15.16 9.66 -44.94
CA ARG A 124 15.14 11.06 -44.53
C ARG A 124 15.52 11.30 -43.07
N ILE A 125 15.64 10.21 -42.31
CA ILE A 125 16.02 10.30 -40.91
C ILE A 125 17.01 9.19 -40.55
N VAL A 126 18.03 9.56 -39.82
CA VAL A 126 19.02 8.61 -39.35
C VAL A 126 18.97 8.69 -37.82
N SER A 127 18.42 7.67 -37.17
CA SER A 127 18.31 7.68 -35.71
C SER A 127 19.36 6.78 -35.07
N THR A 129 20.72 4.83 -31.00
CA THR A 129 20.73 4.57 -29.57
C THR A 129 22.05 3.84 -29.43
N ILE A 130 23.10 4.57 -29.09
CA ILE A 130 24.44 4.00 -28.97
C ILE A 130 25.07 4.27 -27.60
N THR A 131 24.25 4.73 -26.66
CA THR A 131 24.67 5.06 -25.28
C THR A 131 25.53 6.31 -25.32
N GLU A 132 25.66 6.96 -24.17
CA GLU A 132 26.47 8.18 -24.09
C GLU A 132 27.90 7.98 -24.56
N GLY A 133 28.53 6.91 -24.09
CA GLY A 133 29.91 6.63 -24.47
C GLY A 133 30.06 6.52 -25.97
N GLY A 134 28.97 6.14 -26.63
CA GLY A 134 28.99 5.99 -28.08
C GLY A 134 29.21 7.27 -28.86
N TYR A 135 29.00 8.43 -28.24
CA TYR A 135 29.19 9.70 -28.94
C TYR A 135 30.64 10.17 -28.98
N ASN A 136 31.53 9.42 -28.32
CA ASN A 136 32.95 9.72 -28.33
C ASN A 136 33.31 11.14 -27.90
N ILE A 137 32.69 11.61 -26.83
CA ILE A 137 33.00 12.94 -26.29
C ILE A 137 33.96 12.74 -25.12
N ASN A 138 35.16 13.31 -25.24
CA ASN A 138 36.15 13.19 -24.17
C ASN A 138 35.58 13.81 -22.89
N GLU A 139 35.63 13.03 -21.81
CA GLU A 139 35.11 13.46 -20.52
C GLU A 139 35.84 14.63 -19.89
N THR A 140 37.10 14.83 -20.27
CA THR A 140 37.90 15.91 -19.73
C THR A 140 37.80 17.20 -20.56
N THR A 141 38.04 17.08 -21.86
CA THR A 141 37.99 18.23 -22.75
C THR A 141 36.56 18.61 -23.16
N GLY A 142 35.67 17.63 -23.12
CA GLY A 142 34.29 17.90 -23.51
C GLY A 142 34.14 18.01 -25.01
N ALA A 143 35.19 17.66 -25.76
CA ALA A 143 35.11 17.72 -27.22
C ALA A 143 35.16 16.34 -27.88
N PHE A 144 34.77 16.30 -29.15
CA PHE A 144 34.79 15.05 -29.90
C PHE A 144 36.25 14.61 -29.93
N ASP A 145 36.52 13.38 -29.48
CA ASP A 145 37.88 12.87 -29.39
C ASP A 145 38.47 12.38 -30.72
N LEU A 146 39.31 13.22 -31.32
CA LEU A 146 39.95 12.88 -32.59
C LEU A 146 41.10 11.88 -32.42
N GLU A 147 41.38 11.52 -31.17
CA GLU A 147 42.45 10.58 -30.90
C GLU A 147 41.96 9.14 -30.87
N ASN A 148 40.63 8.97 -30.84
CA ASN A 148 40.06 7.64 -30.80
C ASN A 148 40.54 6.84 -32.00
N ALA A 149 40.97 5.60 -31.73
CA ALA A 149 41.50 4.71 -32.76
C ALA A 149 40.60 4.54 -33.98
N ALA A 150 39.35 4.15 -33.75
CA ALA A 150 38.43 3.93 -34.86
C ALA A 150 38.18 5.22 -35.64
N VAL A 151 38.11 6.34 -34.93
CA VAL A 151 37.88 7.63 -35.58
C VAL A 151 39.03 8.01 -36.51
N LYS A 152 40.25 7.82 -36.03
CA LYS A 152 41.43 8.14 -36.84
C LYS A 152 41.49 7.25 -38.07
N ALA A 153 41.13 5.98 -37.90
CA ALA A 153 41.14 5.05 -39.02
C ALA A 153 40.12 5.49 -40.06
N ASP A 154 38.95 5.92 -39.59
CA ASP A 154 37.91 6.38 -40.50
C ASP A 154 38.40 7.60 -41.26
N LEU A 155 39.11 8.47 -40.54
CA LEU A 155 39.65 9.68 -41.15
C LEU A 155 40.68 9.33 -42.23
N LYS A 156 41.34 8.19 -42.09
CA LYS A 156 42.33 7.75 -43.07
C LYS A 156 41.63 7.23 -44.32
N ASN A 157 40.59 6.41 -44.14
CA ASN A 157 39.82 5.88 -45.25
C ASN A 157 38.33 6.14 -45.05
N PRO A 158 37.92 7.42 -45.14
CA PRO A 158 36.52 7.84 -44.96
C PRO A 158 35.51 7.19 -45.91
N GLU A 159 36.00 6.68 -47.04
CA GLU A 159 35.10 6.05 -48.01
C GLU A 159 34.67 4.65 -47.59
N LYS A 160 35.29 4.13 -46.54
CA LYS A 160 34.96 2.80 -46.03
C LYS A 160 35.15 2.88 -44.51
N PRO A 161 34.29 3.65 -43.82
CA PRO A 161 34.30 3.86 -42.38
C PRO A 161 33.73 2.70 -41.56
N SER A 162 33.99 2.72 -40.26
CA SER A 162 33.48 1.70 -39.35
C SER A 162 32.71 2.33 -38.19
N THR A 163 32.89 3.63 -37.98
CA THR A 163 32.19 4.30 -36.88
C THR A 163 30.93 4.98 -37.38
N VAL A 164 29.98 5.19 -36.47
CA VAL A 164 28.72 5.83 -36.84
C VAL A 164 29.03 7.21 -37.41
N PHE A 165 30.02 7.88 -36.83
CA PHE A 165 30.42 9.21 -37.28
C PHE A 165 30.88 9.12 -38.75
N GLY A 166 31.73 8.14 -39.03
CA GLY A 166 32.23 7.96 -40.38
C GLY A 166 31.15 7.65 -41.39
N TYR A 167 30.22 6.76 -41.03
CA TYR A 167 29.13 6.37 -41.91
C TYR A 167 28.21 7.55 -42.22
N VAL A 168 27.78 8.24 -41.17
CA VAL A 168 26.86 9.36 -41.31
C VAL A 168 27.45 10.51 -42.09
N VAL A 169 28.65 10.95 -41.72
CA VAL A 169 29.28 12.06 -42.43
C VAL A 169 29.62 11.70 -43.87
N GLU A 170 30.12 10.49 -44.12
CA GLU A 170 30.44 10.08 -45.49
C GLU A 170 29.15 10.02 -46.31
N ALA A 171 28.06 9.54 -45.69
CA ALA A 171 26.79 9.46 -46.39
C ALA A 171 26.32 10.87 -46.76
N LEU A 172 26.46 11.80 -45.81
CA LEU A 172 26.04 13.18 -46.06
C LEU A 172 26.90 13.82 -47.15
N ARG A 173 28.18 13.49 -47.18
CA ARG A 173 29.06 14.05 -48.22
C ARG A 173 28.58 13.59 -49.59
N ARG A 174 28.36 12.30 -49.73
CA ARG A 174 27.90 11.73 -50.99
C ARG A 174 26.56 12.31 -51.44
N ARG A 175 25.64 12.46 -50.50
CA ARG A 175 24.33 13.01 -50.81
C ARG A 175 24.52 14.43 -51.34
N TRP A 176 25.39 15.19 -50.68
CA TRP A 176 25.68 16.56 -51.06
C TRP A 176 26.29 16.63 -52.47
N ASP A 177 27.37 15.87 -52.67
CA ASP A 177 28.06 15.85 -53.96
C ASP A 177 27.20 15.36 -55.12
N ALA A 178 26.25 14.47 -54.86
CA ALA A 178 25.38 13.95 -55.90
C ALA A 178 24.14 14.80 -56.12
N GLY A 179 24.02 15.89 -55.35
CA GLY A 179 22.86 16.76 -55.50
C GLY A 179 21.67 16.37 -54.65
N GLY A 180 21.87 15.46 -53.71
CA GLY A 180 20.80 15.02 -52.85
C GLY A 180 20.57 15.98 -51.69
N LYS A 181 19.72 15.58 -50.73
CA LYS A 181 19.42 16.43 -49.58
C LYS A 181 19.96 15.84 -48.27
N ALA A 182 20.17 16.70 -47.28
CA ALA A 182 20.66 16.23 -45.99
C ALA A 182 19.52 15.54 -45.27
N PHE A 183 19.84 14.64 -44.35
CA PHE A 183 18.79 13.98 -43.59
C PHE A 183 18.83 14.50 -42.15
N THR A 184 17.86 14.08 -41.36
CA THR A 184 17.80 14.48 -39.96
C THR A 184 18.57 13.49 -39.09
N VAL A 185 19.38 13.98 -38.18
CA VAL A 185 20.12 13.11 -37.27
C VAL A 185 19.30 13.14 -35.98
N SER A 187 18.89 11.55 -32.37
CA SER A 187 19.37 10.75 -31.25
C SER A 187 18.18 10.34 -30.37
N CYS A 188 18.12 9.07 -29.98
CA CYS A 188 17.08 8.60 -29.10
C CYS A 188 17.69 8.05 -27.82
N ASP A 189 18.92 8.48 -27.54
CA ASP A 189 19.61 8.08 -26.32
C ASP A 189 19.11 8.99 -25.20
N ASN A 190 19.06 8.47 -23.99
CA ASN A 190 18.57 9.23 -22.83
C ASN A 190 19.65 10.14 -22.23
N LEU A 191 19.88 11.28 -22.88
CA LEU A 191 20.86 12.25 -22.43
C LEU A 191 20.23 13.63 -22.49
N ARG A 192 20.69 14.54 -21.64
CA ARG A 192 20.13 15.89 -21.67
C ARG A 192 20.61 16.55 -22.95
N HIS A 193 19.66 17.13 -23.68
CA HIS A 193 19.92 17.76 -24.98
C HIS A 193 20.72 16.79 -25.85
N ASN A 194 20.15 15.60 -26.08
CA ASN A 194 20.82 14.58 -26.87
C ASN A 194 21.14 15.02 -28.30
N GLY A 195 20.33 15.93 -28.84
CA GLY A 195 20.59 16.42 -30.17
C GLY A 195 21.84 17.26 -30.23
N ASN A 196 22.07 18.07 -29.19
CA ASN A 196 23.25 18.90 -29.12
C ASN A 196 24.49 18.01 -29.02
N VAL A 197 24.35 16.90 -28.31
CA VAL A 197 25.46 15.96 -28.16
C VAL A 197 25.79 15.38 -29.53
N ALA A 198 24.77 14.90 -30.23
CA ALA A 198 24.93 14.34 -31.56
C ALA A 198 25.57 15.37 -32.51
N ARG A 199 25.08 16.60 -32.46
CA ARG A 199 25.61 17.67 -33.30
C ARG A 199 27.11 17.87 -33.08
N LYS A 200 27.52 17.88 -31.81
CA LYS A 200 28.93 18.05 -31.47
C LYS A 200 29.80 16.91 -32.02
N ALA A 201 29.31 15.69 -31.89
CA ALA A 201 30.04 14.52 -32.35
C ALA A 201 30.14 14.45 -33.87
N PHE A 202 29.00 14.55 -34.55
CA PHE A 202 29.00 14.48 -36.00
C PHE A 202 29.67 15.65 -36.71
N LEU A 203 29.55 16.86 -36.15
CA LEU A 203 30.20 18.02 -36.75
C LEU A 203 31.67 18.01 -36.36
N GLY A 204 31.97 17.39 -35.22
CA GLY A 204 33.35 17.30 -34.77
C GLY A 204 34.14 16.45 -35.75
N TYR A 205 33.51 15.37 -36.23
CA TYR A 205 34.14 14.48 -37.18
C TYR A 205 34.18 15.15 -38.55
N ALA A 206 33.06 15.75 -38.92
CA ALA A 206 32.94 16.44 -40.20
C ALA A 206 34.01 17.52 -40.35
N LYS A 207 34.24 18.28 -39.29
CA LYS A 207 35.24 19.35 -39.34
C LYS A 207 36.62 18.79 -39.63
N ALA A 208 36.97 17.70 -38.97
CA ALA A 208 38.26 17.06 -39.17
C ALA A 208 38.35 16.53 -40.60
N ARG A 209 37.24 16.01 -41.09
CA ARG A 209 37.17 15.45 -42.44
C ARG A 209 37.37 16.54 -43.50
N ASP A 210 36.60 17.62 -43.38
CA ASP A 210 36.66 18.74 -44.32
C ASP A 210 35.76 19.89 -43.87
N PRO A 211 36.36 21.04 -43.52
CA PRO A 211 35.61 22.22 -43.07
C PRO A 211 34.41 22.58 -43.93
N GLU A 212 34.57 22.55 -45.25
CA GLU A 212 33.46 22.87 -46.14
C GLU A 212 32.31 21.88 -45.96
N LEU A 213 32.67 20.61 -45.70
CA LEU A 213 31.66 19.57 -45.51
C LEU A 213 30.89 19.80 -44.21
N ALA A 214 31.61 20.19 -43.16
CA ALA A 214 30.97 20.44 -41.86
C ALA A 214 30.04 21.64 -42.00
N LYS A 215 30.48 22.63 -42.76
CA LYS A 215 29.67 23.83 -42.98
C LYS A 215 28.34 23.43 -43.60
N TRP A 216 28.41 22.59 -44.64
CA TRP A 216 27.21 22.14 -45.34
C TRP A 216 26.27 21.37 -44.41
N ILE A 217 26.82 20.45 -43.63
CA ILE A 217 25.99 19.66 -42.72
C ILE A 217 25.35 20.55 -41.67
N GLU A 218 26.14 21.46 -41.11
CA GLU A 218 25.65 22.37 -40.09
C GLU A 218 24.45 23.17 -40.62
N GLU A 219 24.48 23.52 -41.90
CA GLU A 219 23.42 24.30 -42.50
C GLU A 219 22.23 23.52 -43.02
N ASN A 220 22.44 22.30 -43.48
CA ASN A 220 21.34 21.53 -44.05
C ASN A 220 20.80 20.38 -43.22
N ALA A 221 21.65 19.73 -42.43
CA ALA A 221 21.20 18.64 -41.58
C ALA A 221 20.57 19.28 -40.35
N THR A 222 19.88 18.48 -39.55
CA THR A 222 19.29 18.98 -38.32
C THR A 222 19.57 17.95 -37.24
N PHE A 223 19.66 18.40 -35.98
CA PHE A 223 19.93 17.54 -34.83
C PHE A 223 18.95 17.86 -33.69
N PRO A 224 17.67 17.55 -33.88
CA PRO A 224 16.67 17.84 -32.85
C PRO A 224 16.94 17.13 -31.55
N ASN A 225 16.62 17.81 -30.44
CA ASN A 225 16.77 17.21 -29.12
C ASN A 225 15.44 16.52 -28.82
N GLY A 226 15.51 15.43 -28.09
CA GLY A 226 14.29 14.72 -27.74
C GLY A 226 14.40 14.17 -26.33
N VAL A 228 13.21 11.10 -24.00
CA VAL A 228 12.61 9.78 -24.15
C VAL A 228 12.51 9.03 -22.82
N ASP A 229 11.47 8.21 -22.68
CA ASP A 229 11.29 7.44 -21.46
C ASP A 229 10.99 5.98 -21.85
N ARG A 230 10.35 5.24 -20.96
CA ARG A 230 9.97 3.84 -21.14
C ARG A 230 10.96 2.79 -20.68
N ILE A 231 10.72 2.27 -19.49
CA ILE A 231 11.57 1.25 -18.92
C ILE A 231 11.45 -0.01 -19.77
N THR A 232 12.59 -0.48 -20.25
CA THR A 232 12.67 -1.68 -21.08
C THR A 232 13.89 -2.43 -20.57
N PRO A 233 13.70 -3.28 -19.55
CA PRO A 233 14.73 -4.10 -18.90
C PRO A 233 15.49 -5.07 -19.80
N THR A 234 16.67 -5.47 -19.34
CA THR A 234 17.49 -6.42 -20.07
C THR A 234 16.69 -7.71 -20.16
N VAL A 235 16.85 -8.45 -21.26
CA VAL A 235 16.13 -9.71 -21.45
C VAL A 235 17.07 -10.90 -21.26
N SER A 236 16.87 -11.65 -20.18
CA SER A 236 17.70 -12.81 -19.93
C SER A 236 17.03 -14.03 -20.57
N ALA A 237 17.74 -15.15 -20.59
CA ALA A 237 17.19 -16.37 -21.17
C ALA A 237 15.95 -16.73 -20.37
N GLU A 238 16.03 -16.62 -19.05
CA GLU A 238 14.90 -16.95 -18.20
C GLU A 238 13.72 -16.02 -18.43
N ILE A 239 13.99 -14.75 -18.70
CA ILE A 239 12.93 -13.79 -18.94
C ILE A 239 12.26 -14.11 -20.28
N ALA A 240 13.07 -14.41 -21.29
CA ALA A 240 12.56 -14.74 -22.61
C ALA A 240 11.58 -15.93 -22.52
N LYS A 241 11.97 -16.95 -21.76
CA LYS A 241 11.12 -18.13 -21.62
C LYS A 241 9.75 -17.79 -21.02
N LYS A 242 9.73 -16.89 -20.05
CA LYS A 242 8.46 -16.49 -19.41
C LYS A 242 7.60 -15.72 -20.40
N LEU A 243 8.22 -14.81 -21.16
CA LEU A 243 7.49 -14.02 -22.13
C LEU A 243 6.86 -14.91 -23.20
N ASN A 244 7.65 -15.83 -23.75
CA ASN A 244 7.16 -16.73 -24.79
C ASN A 244 6.11 -17.70 -24.25
N ALA A 245 6.32 -18.18 -23.03
CA ALA A 245 5.37 -19.11 -22.43
C ALA A 245 4.03 -18.42 -22.24
N ALA A 246 4.08 -17.12 -21.99
CA ALA A 246 2.87 -16.32 -21.77
C ALA A 246 2.20 -15.87 -23.06
N SER A 247 3.00 -15.62 -24.10
CA SER A 247 2.47 -15.18 -25.38
C SER A 247 2.10 -16.35 -26.28
N GLY A 248 2.82 -17.46 -26.13
CA GLY A 248 2.57 -18.63 -26.94
C GLY A 248 3.34 -18.58 -28.26
N LEU A 249 4.32 -17.70 -28.31
CA LEU A 249 5.14 -17.52 -29.51
C LEU A 249 6.58 -17.97 -29.28
N ASP A 250 7.15 -18.67 -30.25
CA ASP A 250 8.53 -19.14 -30.14
C ASP A 250 9.42 -18.02 -30.67
N ASP A 251 9.50 -16.94 -29.91
CA ASP A 251 10.28 -15.77 -30.29
C ASP A 251 11.72 -15.89 -29.81
N ASP A 252 12.66 -15.64 -30.72
CA ASP A 252 14.07 -15.68 -30.36
C ASP A 252 14.52 -14.33 -29.77
N LEU A 253 13.77 -13.29 -30.10
CA LEU A 253 14.08 -11.93 -29.64
C LEU A 253 12.91 -11.23 -28.94
N PRO A 254 12.33 -11.87 -27.91
CA PRO A 254 11.21 -11.26 -27.19
C PRO A 254 11.69 -10.21 -26.21
N LEU A 255 10.88 -9.18 -25.99
CA LEU A 255 11.24 -8.14 -25.03
C LEU A 255 9.96 -7.63 -24.37
N VAL A 256 10.13 -6.94 -23.25
CA VAL A 256 9.00 -6.42 -22.51
C VAL A 256 9.29 -5.00 -22.03
N ALA A 257 8.24 -4.20 -21.91
CA ALA A 257 8.39 -2.82 -21.48
C ALA A 257 7.15 -2.44 -20.67
N GLU A 258 7.26 -1.36 -19.89
CA GLU A 258 6.13 -0.91 -19.10
C GLU A 258 5.13 -0.33 -20.09
N ASP A 259 3.86 -0.28 -19.72
CA ASP A 259 2.85 0.26 -20.60
C ASP A 259 3.10 1.76 -20.83
N PHE A 260 3.62 2.44 -19.82
CA PHE A 260 3.90 3.88 -19.94
C PHE A 260 4.98 4.13 -20.99
N HIS A 261 4.83 5.22 -21.73
CA HIS A 261 5.82 5.58 -22.73
C HIS A 261 5.65 7.06 -23.07
N GLN A 262 6.77 7.72 -23.33
CA GLN A 262 6.71 9.13 -23.66
C GLN A 262 7.84 9.52 -24.59
N TRP A 263 7.53 10.43 -25.50
CA TRP A 263 8.53 10.91 -26.44
C TRP A 263 8.23 12.37 -26.77
N VAL A 264 9.10 13.25 -26.30
CA VAL A 264 8.98 14.67 -26.57
C VAL A 264 10.06 14.95 -27.59
N LEU A 265 9.69 15.55 -28.71
CA LEU A 265 10.66 15.77 -29.77
C LEU A 265 10.61 17.15 -30.38
N GLU A 266 11.77 17.79 -30.52
CA GLU A 266 11.83 19.11 -31.13
C GLU A 266 11.53 18.91 -32.62
N ASP A 267 10.63 19.74 -33.14
CA ASP A 267 10.23 19.64 -34.54
C ASP A 267 11.21 20.35 -35.46
N GLN A 268 12.39 19.76 -35.63
CA GLN A 268 13.42 20.32 -36.49
C GLN A 268 13.92 19.21 -37.41
N PHE A 269 13.25 19.04 -38.54
CA PHE A 269 13.63 18.01 -39.49
C PHE A 269 14.10 18.59 -40.82
N ALA A 270 15.18 18.04 -41.34
CA ALA A 270 15.78 18.52 -42.59
C ALA A 270 14.99 18.19 -43.84
N ASP A 271 14.38 17.02 -43.88
CA ASP A 271 13.64 16.61 -45.06
C ASP A 271 12.42 15.77 -44.76
N GLY A 272 11.51 16.31 -43.95
CA GLY A 272 10.29 15.60 -43.62
C GLY A 272 10.39 14.63 -42.45
N ARG A 273 9.24 14.21 -41.95
CA ARG A 273 9.17 13.28 -40.83
C ARG A 273 7.81 12.61 -40.79
N PRO A 274 7.72 11.47 -40.10
CA PRO A 274 6.44 10.74 -39.99
C PRO A 274 5.47 11.59 -39.17
N PRO A 275 4.16 11.30 -39.25
CA PRO A 275 3.18 12.07 -38.49
C PRO A 275 3.13 11.51 -37.07
N LEU A 276 4.27 11.57 -36.37
CA LEU A 276 4.40 11.04 -35.02
C LEU A 276 3.39 11.55 -33.99
N GLU A 277 2.88 12.76 -34.16
CA GLU A 277 1.89 13.26 -33.21
C GLU A 277 0.72 12.29 -33.14
N LYS A 278 0.36 11.69 -34.28
CA LYS A 278 -0.75 10.74 -34.32
C LYS A 278 -0.52 9.52 -33.44
N ALA A 279 0.72 9.29 -33.04
CA ALA A 279 1.06 8.15 -32.20
C ALA A 279 1.32 8.59 -30.76
N GLY A 280 1.08 9.87 -30.48
CA GLY A 280 1.28 10.36 -29.13
C GLY A 280 2.61 11.05 -28.89
N VAL A 281 3.42 11.21 -29.93
CA VAL A 281 4.70 11.88 -29.76
C VAL A 281 4.35 13.35 -29.59
N GLN A 282 4.98 13.99 -28.61
CA GLN A 282 4.72 15.39 -28.32
C GLN A 282 5.75 16.26 -29.00
N VAL A 284 7.54 19.69 -29.95
CA VAL A 284 7.75 20.97 -29.28
C VAL A 284 8.81 21.80 -29.98
N GLY A 285 8.92 23.06 -29.55
CA GLY A 285 9.94 23.94 -30.11
C GLY A 285 11.23 23.82 -29.33
N ASP A 286 11.12 23.57 -28.03
CA ASP A 286 12.30 23.43 -27.16
C ASP A 286 12.02 22.33 -26.13
N VAL A 287 12.90 21.33 -26.07
CA VAL A 287 12.75 20.21 -25.15
C VAL A 287 13.06 20.52 -23.68
N THR A 288 13.75 21.63 -23.45
CA THR A 288 14.19 21.98 -22.10
C THR A 288 13.18 21.87 -20.96
N ASP A 289 12.01 22.48 -21.12
CA ASP A 289 11.01 22.41 -20.04
C ASP A 289 10.61 20.97 -19.71
N TRP A 290 10.39 20.14 -20.74
CA TRP A 290 10.03 18.75 -20.47
C TRP A 290 11.15 17.95 -19.79
N GLU A 291 12.40 18.24 -20.15
CA GLU A 291 13.53 17.54 -19.52
C GLU A 291 13.53 17.81 -18.01
N TYR A 292 13.23 19.05 -17.63
CA TYR A 292 13.22 19.40 -16.23
C TYR A 292 12.04 18.83 -15.46
N VAL A 293 10.92 18.60 -16.14
CA VAL A 293 9.77 17.98 -15.47
C VAL A 293 10.22 16.57 -15.07
N LYS A 294 10.84 15.87 -16.02
CA LYS A 294 11.31 14.51 -15.77
C LYS A 294 12.36 14.49 -14.67
N ILE A 295 13.33 15.40 -14.78
CA ILE A 295 14.40 15.49 -13.79
C ILE A 295 13.89 15.83 -12.38
N ARG A 296 13.07 16.88 -12.29
CA ARG A 296 12.62 17.34 -10.98
C ARG A 296 11.43 16.65 -10.34
N LEU A 298 10.18 13.00 -11.74
CA LEU A 298 10.42 11.55 -11.80
C LEU A 298 11.72 11.15 -11.12
N ASN A 299 12.84 11.72 -11.56
CA ASN A 299 14.15 11.39 -11.00
C ASN A 299 14.25 11.84 -9.54
N ALA A 300 13.84 13.07 -9.26
CA ALA A 300 13.86 13.61 -7.91
C ALA A 300 12.96 12.78 -7.01
N GLY A 301 11.81 12.38 -7.54
CA GLY A 301 10.87 11.57 -6.76
C GLY A 301 11.42 10.19 -6.47
N HIS A 302 12.15 9.65 -7.42
CA HIS A 302 12.74 8.32 -7.26
C HIS A 302 13.66 8.29 -6.04
N VAL A 303 14.53 9.29 -5.89
CA VAL A 303 15.41 9.29 -4.73
C VAL A 303 14.73 9.73 -3.45
N LEU A 305 12.00 8.83 -2.60
CA LEU A 305 11.35 7.60 -2.16
C LEU A 305 12.39 6.60 -1.64
N CYS A 306 13.45 6.39 -2.43
CA CYS A 306 14.44 5.39 -2.08
C CYS A 306 15.42 5.68 -0.95
N PHE A 307 15.78 6.94 -0.72
CA PHE A 307 16.71 7.22 0.37
C PHE A 307 16.07 6.81 1.70
N PRO A 308 14.85 7.27 1.99
CA PRO A 308 14.27 6.85 3.28
C PRO A 308 13.81 5.38 3.23
N GLY A 309 13.48 4.89 2.04
CA GLY A 309 13.06 3.52 1.89
C GLY A 309 14.15 2.52 2.28
N ILE A 310 15.40 2.87 1.97
CA ILE A 310 16.53 2.03 2.30
C ILE A 310 16.70 1.98 3.82
N LEU A 311 16.45 3.11 4.49
CA LEU A 311 16.56 3.15 5.94
C LEU A 311 15.47 2.27 6.57
N VAL A 312 14.29 2.25 5.97
CA VAL A 312 13.20 1.43 6.49
C VAL A 312 13.55 -0.05 6.27
N GLY A 313 14.32 -0.32 5.21
CA GLY A 313 14.71 -1.69 4.95
C GLY A 313 14.07 -2.29 3.72
N TYR A 314 13.57 -1.43 2.83
CA TYR A 314 12.96 -1.92 1.60
C TYR A 314 14.01 -2.20 0.54
N GLU A 315 13.94 -3.38 -0.07
CA GLU A 315 14.90 -3.77 -1.09
C GLU A 315 14.55 -3.28 -2.49
N ASN A 316 13.27 -3.20 -2.80
CA ASN A 316 12.86 -2.76 -4.12
C ASN A 316 11.94 -1.54 -4.09
N VAL A 317 11.93 -0.81 -5.20
CA VAL A 317 11.11 0.39 -5.30
C VAL A 317 9.64 0.10 -5.08
N ASP A 318 9.14 -0.98 -5.66
CA ASP A 318 7.72 -1.30 -5.52
C ASP A 318 7.31 -1.61 -4.09
N ASP A 319 8.25 -2.04 -3.26
CA ASP A 319 7.95 -2.32 -1.85
C ASP A 319 7.86 -0.96 -1.12
N ALA A 320 8.76 -0.06 -1.47
CA ALA A 320 8.80 1.25 -0.85
C ALA A 320 7.60 2.13 -1.21
N ILE A 321 7.18 2.07 -2.47
CA ILE A 321 6.06 2.88 -2.91
C ILE A 321 4.74 2.44 -2.28
N GLU A 322 4.72 1.21 -1.75
CA GLU A 322 3.53 0.66 -1.10
C GLU A 322 3.48 1.07 0.37
N ASP A 323 4.57 1.64 0.87
CA ASP A 323 4.60 2.09 2.26
C ASP A 323 3.76 3.37 2.33
N SER A 324 2.71 3.33 3.14
CA SER A 324 1.80 4.47 3.27
C SER A 324 2.47 5.79 3.61
N GLU A 325 3.43 5.76 4.54
CA GLU A 325 4.11 6.98 4.95
C GLU A 325 5.10 7.50 3.89
N LEU A 326 5.86 6.61 3.27
CA LEU A 326 6.82 7.02 2.25
C LEU A 326 6.09 7.55 1.03
N LEU A 327 4.94 6.94 0.72
CA LEU A 327 4.12 7.36 -0.42
C LEU A 327 3.54 8.75 -0.16
N GLY A 328 2.99 8.94 1.05
CA GLY A 328 2.43 10.23 1.40
C GLY A 328 3.47 11.34 1.35
N ASN A 329 4.66 11.04 1.83
CA ASN A 329 5.76 12.01 1.85
C ASN A 329 6.16 12.38 0.42
N LEU A 330 6.20 11.38 -0.46
CA LEU A 330 6.55 11.61 -1.86
C LEU A 330 5.52 12.54 -2.51
N LYS A 331 4.24 12.26 -2.27
CA LYS A 331 3.18 13.09 -2.84
C LYS A 331 3.24 14.52 -2.30
N ASN A 332 3.53 14.65 -1.01
CA ASN A 332 3.61 15.97 -0.40
C ASN A 332 4.78 16.78 -0.95
N TYR A 333 5.90 16.10 -1.19
CA TYR A 333 7.09 16.76 -1.77
C TYR A 333 6.74 17.25 -3.18
N LEU A 334 6.19 16.36 -4.01
CA LEU A 334 5.82 16.74 -5.35
C LEU A 334 4.76 17.84 -5.39
N ASN A 335 3.72 17.71 -4.56
CA ASN A 335 2.65 18.72 -4.54
C ASN A 335 3.02 20.07 -3.94
N LYS A 336 3.72 20.04 -2.83
CA LYS A 336 4.07 21.27 -2.12
C LYS A 336 5.40 21.94 -2.44
N ASP A 337 6.40 21.15 -2.83
CA ASP A 337 7.73 21.71 -3.12
C ASP A 337 8.12 21.83 -4.59
N VAL A 338 7.84 20.79 -5.36
CA VAL A 338 8.23 20.80 -6.77
C VAL A 338 7.24 21.46 -7.72
N ILE A 339 6.00 20.96 -7.76
CA ILE A 339 4.99 21.51 -8.65
C ILE A 339 4.84 23.04 -8.59
N PRO A 340 4.85 23.62 -7.38
CA PRO A 340 4.70 25.08 -7.29
C PRO A 340 5.90 25.86 -7.82
N THR A 341 7.03 25.18 -8.00
CA THR A 341 8.23 25.86 -8.49
C THR A 341 8.74 25.24 -9.79
N LEU A 342 7.85 24.59 -10.53
CA LEU A 342 8.19 23.93 -11.79
C LEU A 342 7.35 24.46 -12.95
N LYS A 343 8.01 24.89 -14.02
CA LYS A 343 7.27 25.41 -15.18
C LYS A 343 6.59 24.24 -15.88
N ALA A 344 5.32 24.42 -16.22
CA ALA A 344 4.57 23.36 -16.87
C ALA A 344 4.47 23.48 -18.38
N PRO A 345 4.86 22.41 -19.10
CA PRO A 345 4.80 22.42 -20.57
C PRO A 345 3.32 22.45 -20.95
N SER A 346 3.02 22.87 -22.18
CA SER A 346 1.62 22.92 -22.60
C SER A 346 1.09 21.51 -22.92
N GLY A 347 -0.23 21.36 -22.90
CA GLY A 347 -0.83 20.07 -23.20
C GLY A 347 -0.58 18.96 -22.20
N THR A 349 -0.65 18.24 -17.45
CA THR A 349 -0.74 18.83 -16.13
C THR A 349 0.35 18.18 -15.29
N LEU A 350 0.94 18.97 -14.39
CA LEU A 350 1.99 18.45 -13.54
C LEU A 350 1.40 17.42 -12.58
N GLU A 351 0.12 17.58 -12.26
CA GLU A 351 -0.56 16.66 -11.36
C GLU A 351 -0.75 15.31 -12.03
N GLY A 352 -0.99 15.35 -13.34
CA GLY A 352 -1.17 14.11 -14.10
C GLY A 352 0.19 13.43 -14.19
N TYR A 353 1.25 14.22 -14.29
CA TYR A 353 2.58 13.65 -14.37
C TYR A 353 2.89 12.98 -13.04
N ARG A 354 2.55 13.68 -11.96
CA ARG A 354 2.76 13.17 -10.61
C ARG A 354 2.08 11.81 -10.48
N ASP A 355 0.84 11.72 -10.97
CA ASP A 355 0.11 10.46 -10.89
C ASP A 355 0.84 9.36 -11.64
N SER A 356 1.41 9.66 -12.80
CA SER A 356 2.13 8.65 -13.56
C SER A 356 3.40 8.20 -12.85
N VAL A 357 4.09 9.14 -12.19
CA VAL A 357 5.31 8.78 -11.47
C VAL A 357 4.97 7.74 -10.42
N ILE A 358 3.93 8.03 -9.64
CA ILE A 358 3.49 7.12 -8.58
C ILE A 358 3.09 5.74 -9.14
N SER A 359 2.26 5.75 -10.18
CA SER A 359 1.81 4.51 -10.80
C SER A 359 2.95 3.67 -11.36
N ARG A 360 3.91 4.32 -12.01
CA ARG A 360 5.04 3.62 -12.59
C ARG A 360 5.89 2.95 -11.53
N PHE A 361 6.14 3.65 -10.42
CA PHE A 361 6.93 3.10 -9.33
C PHE A 361 6.24 1.87 -8.74
N SER A 362 4.92 1.78 -8.89
CA SER A 362 4.17 0.63 -8.38
C SER A 362 4.15 -0.57 -9.34
N ASN A 363 4.76 -0.42 -10.52
CA ASN A 363 4.79 -1.52 -11.50
C ASN A 363 5.74 -2.59 -11.00
N LYS A 364 5.22 -3.66 -10.40
CA LYS A 364 6.08 -4.70 -9.87
C LYS A 364 7.02 -5.34 -10.90
N ALA A 365 6.56 -5.52 -12.12
CA ALA A 365 7.40 -6.13 -13.15
C ALA A 365 8.64 -5.29 -13.47
N SER A 367 9.96 -2.90 -11.18
CA SER A 367 10.67 -2.61 -9.94
C SER A 367 12.18 -2.88 -9.95
N ASP A 368 12.93 -1.85 -9.56
CA ASP A 368 14.37 -1.93 -9.48
C ASP A 368 14.72 -1.95 -8.00
N GLN A 369 16.00 -2.12 -7.68
CA GLN A 369 16.43 -2.14 -6.29
C GLN A 369 16.62 -0.72 -5.78
N THR A 370 16.22 -0.48 -4.54
CA THR A 370 16.37 0.82 -3.93
C THR A 370 17.84 1.24 -3.85
N LEU A 371 18.71 0.31 -3.49
CA LEU A 371 20.13 0.62 -3.40
C LEU A 371 20.68 1.04 -4.75
N ARG A 372 20.14 0.46 -5.82
CA ARG A 372 20.60 0.81 -7.16
C ARG A 372 20.19 2.24 -7.51
N ILE A 373 18.99 2.60 -7.11
CA ILE A 373 18.49 3.95 -7.37
C ILE A 373 19.33 4.95 -6.59
N ALA A 374 19.82 4.54 -5.43
CA ALA A 374 20.62 5.40 -4.57
C ALA A 374 22.09 5.49 -4.99
N SER A 375 22.52 4.65 -5.92
CA SER A 375 23.92 4.68 -6.37
C SER A 375 24.26 6.01 -7.01
N ASP A 376 25.41 6.56 -6.65
CA ASP A 376 25.87 7.85 -7.15
C ASP A 376 24.86 8.90 -6.67
N GLY A 377 24.34 8.67 -5.46
CA GLY A 377 23.38 9.57 -4.87
C GLY A 377 23.81 11.03 -4.86
N CYS A 378 25.11 11.26 -4.80
CA CYS A 378 25.63 12.63 -4.80
C CYS A 378 25.30 13.36 -6.09
N SER A 379 25.60 12.73 -7.22
CA SER A 379 25.35 13.31 -8.52
C SER A 379 23.84 13.44 -8.76
N LYS A 380 23.08 12.50 -8.22
CA LYS A 380 21.64 12.52 -8.40
C LYS A 380 21.02 13.67 -7.61
N VAL A 381 21.50 13.88 -6.40
CA VAL A 381 21.02 14.98 -5.57
C VAL A 381 21.36 16.29 -6.26
N GLN A 382 22.59 16.40 -6.76
CA GLN A 382 23.02 17.62 -7.44
C GLN A 382 22.12 17.92 -8.64
N VAL A 383 21.91 16.92 -9.49
CA VAL A 383 21.08 17.16 -10.67
C VAL A 383 19.57 17.21 -10.43
N PHE A 384 19.04 16.27 -9.66
CA PHE A 384 17.59 16.23 -9.44
C PHE A 384 16.98 17.17 -8.40
N TRP A 385 17.73 17.50 -7.36
CA TRP A 385 17.18 18.33 -6.28
C TRP A 385 17.57 19.81 -6.18
N THR A 386 18.71 20.19 -6.77
CA THR A 386 19.18 21.57 -6.65
C THR A 386 18.19 22.70 -6.96
N GLU A 387 17.52 22.64 -8.11
CA GLU A 387 16.57 23.70 -8.44
C GLU A 387 15.46 23.83 -7.39
N THR A 388 14.90 22.70 -6.96
CA THR A 388 13.84 22.73 -5.95
C THR A 388 14.31 23.35 -4.63
N VAL A 389 15.53 23.03 -4.22
CA VAL A 389 16.09 23.61 -3.00
C VAL A 389 16.36 25.11 -3.19
N ARG A 390 16.98 25.49 -4.29
CA ARG A 390 17.26 26.91 -4.51
C ARG A 390 15.97 27.74 -4.49
N ARG A 391 14.93 27.27 -5.16
CA ARG A 391 13.66 27.99 -5.18
C ARG A 391 13.03 28.14 -3.80
N ALA A 392 13.05 27.07 -3.01
CA ALA A 392 12.48 27.10 -1.67
C ALA A 392 13.20 28.12 -0.82
N ILE A 393 14.53 28.15 -0.92
CA ILE A 393 15.33 29.11 -0.15
C ILE A 393 15.15 30.54 -0.67
N GLU A 394 15.19 30.69 -1.99
CA GLU A 394 15.04 32.00 -2.63
C GLU A 394 13.67 32.62 -2.36
N ASP A 395 12.61 31.83 -2.50
CA ASP A 395 11.26 32.34 -2.29
C ASP A 395 10.78 32.22 -0.85
N LYS A 396 11.67 31.80 0.04
CA LYS A 396 11.34 31.66 1.45
C LYS A 396 10.12 30.77 1.70
N ARG A 397 10.16 29.57 1.14
CA ARG A 397 9.08 28.61 1.30
C ARG A 397 9.43 27.55 2.33
N ASP A 398 8.45 26.77 2.77
CA ASP A 398 8.68 25.73 3.78
C ASP A 398 9.79 24.77 3.35
N LEU A 399 10.73 24.53 4.25
CA LEU A 399 11.88 23.66 3.97
C LEU A 399 11.78 22.28 4.61
N SER A 400 10.72 22.05 5.38
CA SER A 400 10.52 20.79 6.08
C SER A 400 10.76 19.51 5.28
N ARG A 401 10.05 19.33 4.18
CA ARG A 401 10.21 18.12 3.36
C ARG A 401 11.53 18.08 2.62
N ILE A 402 12.02 19.25 2.21
CA ILE A 402 13.29 19.34 1.52
C ILE A 402 14.40 18.90 2.48
N ALA A 403 14.29 19.34 3.74
CA ALA A 403 15.29 18.98 4.74
C ALA A 403 15.21 17.50 5.07
N PHE A 404 14.00 16.95 5.03
CA PHE A 404 13.80 15.53 5.30
C PHE A 404 14.51 14.69 4.25
N GLY A 405 14.42 15.10 2.99
CA GLY A 405 15.09 14.35 1.93
C GLY A 405 16.59 14.32 2.17
N ILE A 406 17.13 15.48 2.53
CA ILE A 406 18.57 15.61 2.76
C ILE A 406 19.01 14.79 3.98
N ALA A 407 18.24 14.90 5.06
CA ALA A 407 18.54 14.18 6.29
C ALA A 407 18.49 12.67 6.06
N SER A 408 17.55 12.23 5.22
CA SER A 408 17.39 10.82 4.90
C SER A 408 18.57 10.32 4.10
N TYR A 409 19.00 11.12 3.14
CA TYR A 409 20.16 10.79 2.32
C TYR A 409 21.38 10.63 3.23
N LEU A 410 21.61 11.60 4.10
CA LEU A 410 22.75 11.57 5.01
C LEU A 410 22.72 10.38 5.98
N GLU A 411 21.54 10.05 6.48
CA GLU A 411 21.44 8.92 7.39
C GLU A 411 21.58 7.61 6.61
N LEU A 413 23.45 7.07 4.14
CA LEU A 413 24.88 6.90 3.89
C LEU A 413 25.61 6.11 4.97
N ARG A 414 25.09 6.12 6.20
CA ARG A 414 25.73 5.41 7.30
C ARG A 414 25.77 3.90 7.13
N GLY A 415 24.94 3.36 6.23
CA GLY A 415 24.97 1.95 5.96
C GLY A 415 24.18 0.94 6.78
N ARG A 416 23.14 1.38 7.47
CA ARG A 416 22.35 0.45 8.25
C ARG A 416 20.87 0.79 8.25
N ASP A 417 20.03 -0.23 8.01
CA ASP A 417 18.60 -0.01 7.99
C ASP A 417 18.01 -0.29 9.37
N GLU A 418 16.76 0.08 9.55
CA GLU A 418 16.09 -0.07 10.82
C GLU A 418 15.68 -1.51 11.17
N LYS A 419 16.07 -2.45 10.32
CA LYS A 419 15.76 -3.85 10.58
C LYS A 419 16.99 -4.60 11.08
N GLY A 420 18.13 -3.92 11.06
CA GLY A 420 19.37 -4.54 11.51
C GLY A 420 20.29 -4.92 10.38
N GLY A 421 19.81 -4.80 9.15
CA GLY A 421 20.64 -5.15 8.02
C GLY A 421 21.65 -4.06 7.72
N THR A 422 22.79 -4.43 7.19
CA THR A 422 23.80 -3.44 6.86
C THR A 422 23.94 -3.46 5.35
N TYR A 423 24.49 -2.39 4.80
CA TYR A 423 24.67 -2.30 3.36
C TYR A 423 25.72 -1.24 3.04
N GLU A 424 26.16 -1.21 1.80
CA GLU A 424 27.14 -0.23 1.38
C GLU A 424 26.68 0.39 0.08
N SER A 425 26.28 1.66 0.12
CA SER A 425 25.83 2.31 -1.10
C SER A 425 27.04 2.73 -1.92
N SER A 426 26.82 2.91 -3.22
CA SER A 426 27.89 3.31 -4.12
C SER A 426 27.88 4.83 -4.39
N GLU A 427 29.05 5.45 -4.24
CA GLU A 427 29.22 6.87 -4.49
C GLU A 427 30.59 7.02 -5.15
N PRO A 428 30.66 6.81 -6.47
CA PRO A 428 31.89 6.90 -7.25
C PRO A 428 32.71 8.18 -7.03
N THR A 429 32.04 9.31 -6.89
CA THR A 429 32.73 10.59 -6.72
C THR A 429 33.27 10.83 -5.33
N TYR A 430 32.92 9.97 -4.39
CA TYR A 430 33.38 10.11 -3.02
C TYR A 430 34.70 9.40 -2.79
N GLY A 431 35.57 10.02 -1.99
CA GLY A 431 36.85 9.44 -1.67
C GLY A 431 36.88 9.16 -0.18
N ASP A 432 38.07 9.00 0.39
CA ASP A 432 38.20 8.73 1.82
C ASP A 432 37.68 9.90 2.65
N ALA A 433 38.02 11.11 2.21
CA ALA A 433 37.59 12.31 2.91
C ALA A 433 36.05 12.37 2.98
N GLU A 434 35.40 12.27 1.83
CA GLU A 434 33.95 12.32 1.80
C GLU A 434 33.30 11.24 2.68
N TRP A 435 33.73 10.00 2.51
CA TRP A 435 33.18 8.88 3.28
C TRP A 435 33.39 9.01 4.78
N LYS A 436 34.46 9.69 5.18
CA LYS A 436 34.72 9.88 6.61
C LYS A 436 33.61 10.75 7.18
N LEU A 437 33.28 11.81 6.47
CA LEU A 437 32.23 12.73 6.90
C LEU A 437 30.89 12.01 6.93
N ALA A 438 30.58 11.32 5.85
CA ALA A 438 29.33 10.58 5.72
C ALA A 438 29.10 9.60 6.86
N LYS A 439 30.18 9.02 7.39
CA LYS A 439 30.05 8.06 8.47
C LYS A 439 30.29 8.63 9.86
N ALA A 440 30.63 9.90 9.94
CA ALA A 440 30.85 10.54 11.24
C ALA A 440 29.64 10.27 12.13
N ASP A 441 29.85 10.25 13.44
CA ASP A 441 28.75 9.99 14.36
C ASP A 441 27.98 11.24 14.73
N ASP A 442 28.53 12.41 14.39
CA ASP A 442 27.83 13.65 14.67
C ASP A 442 26.70 13.81 13.67
N PHE A 443 26.12 15.00 13.62
CA PHE A 443 25.02 15.26 12.71
C PHE A 443 25.26 16.49 11.86
N GLU A 444 26.49 17.01 11.87
CA GLU A 444 26.82 18.21 11.12
C GLU A 444 27.87 18.04 10.03
N SER A 445 28.85 17.20 10.28
CA SER A 445 29.94 16.98 9.33
C SER A 445 29.54 16.69 7.89
N SER A 446 28.65 15.73 7.68
CA SER A 446 28.26 15.37 6.31
C SER A 446 27.49 16.45 5.54
N LEU A 447 27.18 17.56 6.18
CA LEU A 447 26.48 18.65 5.50
C LEU A 447 27.46 19.24 4.48
N LYS A 448 28.75 18.99 4.70
CA LYS A 448 29.78 19.50 3.80
C LYS A 448 29.99 18.63 2.56
N LEU A 449 29.30 17.49 2.46
CA LEU A 449 29.46 16.63 1.28
C LEU A 449 29.15 17.43 0.01
N PRO A 450 29.78 17.07 -1.11
CA PRO A 450 29.59 17.74 -2.40
C PRO A 450 28.16 17.70 -2.93
N ALA A 451 27.36 16.76 -2.42
CA ALA A 451 25.98 16.59 -2.88
C ALA A 451 25.15 17.86 -2.78
N PHE A 452 25.45 18.71 -1.80
CA PHE A 452 24.70 19.93 -1.55
C PHE A 452 25.33 21.23 -2.05
N ASP A 453 26.39 21.11 -2.86
CA ASP A 453 27.09 22.28 -3.38
C ASP A 453 26.27 23.18 -4.31
N GLY A 454 25.27 22.59 -4.97
CA GLY A 454 24.44 23.35 -5.90
C GLY A 454 23.70 24.54 -5.32
N TRP A 455 23.48 24.55 -4.01
CA TRP A 455 22.77 25.65 -3.38
C TRP A 455 23.55 26.28 -2.23
N ARG A 456 24.80 25.86 -2.08
CA ARG A 456 25.65 26.36 -1.01
C ARG A 456 25.92 27.87 -1.03
N ASP A 457 25.78 28.50 -2.19
CA ASP A 457 26.01 29.94 -2.29
C ASP A 457 24.93 30.75 -1.59
N LEU A 458 23.75 30.16 -1.43
CA LEU A 458 22.63 30.81 -0.77
C LEU A 458 22.78 30.68 0.75
N ASP A 459 21.89 31.34 1.48
CA ASP A 459 21.92 31.25 2.94
C ASP A 459 21.22 29.96 3.37
N THR A 460 22.01 28.92 3.56
CA THR A 460 21.50 27.60 3.94
C THR A 460 21.37 27.40 5.46
N SER A 461 21.46 28.49 6.22
CA SER A 461 21.37 28.42 7.68
C SER A 461 20.14 27.69 8.20
N GLU A 462 18.96 28.15 7.80
CA GLU A 462 17.71 27.55 8.26
C GLU A 462 17.56 26.10 7.78
N LEU A 463 17.93 25.86 6.53
CA LEU A 463 17.83 24.51 5.96
C LEU A 463 18.76 23.55 6.71
N ASP A 464 20.01 23.94 6.89
CA ASP A 464 20.96 23.07 7.57
C ASP A 464 20.55 22.73 9.01
N GLN A 465 20.03 23.73 9.73
CA GLN A 465 19.60 23.50 11.10
C GLN A 465 18.46 22.49 11.14
N LYS A 466 17.51 22.64 10.23
CA LYS A 466 16.37 21.74 10.16
C LYS A 466 16.85 20.33 9.82
N VAL A 467 17.83 20.24 8.93
CA VAL A 467 18.38 18.94 8.53
C VAL A 467 18.96 18.25 9.75
N ILE A 468 19.71 19.00 10.55
CA ILE A 468 20.33 18.46 11.75
C ILE A 468 19.27 17.93 12.71
N VAL A 469 18.22 18.74 12.92
CA VAL A 469 17.11 18.35 13.79
C VAL A 469 16.48 17.03 13.33
N LEU A 470 16.28 16.88 12.02
CA LEU A 470 15.66 15.67 11.47
C LEU A 470 16.58 14.45 11.52
N ARG A 471 17.88 14.66 11.29
CA ARG A 471 18.83 13.55 11.34
C ARG A 471 18.79 12.98 12.75
N LYS A 472 18.70 13.88 13.73
CA LYS A 472 18.66 13.46 15.12
C LYS A 472 17.43 12.60 15.40
N ILE A 473 16.29 13.02 14.89
CA ILE A 473 15.05 12.28 15.08
C ILE A 473 15.13 10.92 14.37
N ILE A 474 15.64 10.93 13.14
CA ILE A 474 15.78 9.71 12.36
C ILE A 474 16.66 8.68 13.07
N ARG A 475 17.76 9.13 13.64
CA ARG A 475 18.65 8.19 14.30
C ARG A 475 18.08 7.62 15.60
N GLU A 476 17.34 8.43 16.34
CA GLU A 476 16.78 7.98 17.60
C GLU A 476 15.42 7.28 17.48
N LYS A 477 14.50 7.85 16.72
CA LYS A 477 13.16 7.28 16.58
C LYS A 477 12.84 6.60 15.24
N GLY A 478 13.79 6.60 14.30
CA GLY A 478 13.53 5.96 13.02
C GLY A 478 13.10 6.98 11.97
N VAL A 479 13.32 6.68 10.70
CA VAL A 479 12.97 7.63 9.65
C VAL A 479 11.51 8.11 9.58
N LYS A 480 10.54 7.22 9.74
CA LYS A 480 9.16 7.67 9.66
C LYS A 480 8.80 8.72 10.69
N ALA A 481 9.46 8.68 11.84
CA ALA A 481 9.21 9.65 12.91
C ALA A 481 9.62 11.06 12.49
N ALA A 482 10.49 11.16 11.49
CA ALA A 482 10.98 12.47 11.03
C ALA A 482 10.21 13.06 9.84
N ILE A 483 9.26 12.31 9.30
CA ILE A 483 8.48 12.77 8.16
C ILE A 483 7.57 13.95 8.55
N PRO A 484 7.69 15.08 7.82
CA PRO A 484 6.89 16.28 8.07
C PRO A 484 5.38 16.02 7.94
N ILE B 2 -4.07 19.42 34.16
CA ILE B 2 -4.61 18.23 34.77
C ILE B 2 -6.14 18.24 34.70
N THR B 3 -6.73 17.05 34.70
CA THR B 3 -8.17 16.89 34.61
C THR B 3 -8.82 16.85 36.00
N ARG B 4 -9.71 17.79 36.26
CA ARG B 4 -10.41 17.88 37.52
C ARG B 4 -11.83 18.38 37.32
N GLU B 5 -12.71 18.10 38.27
CA GLU B 5 -14.09 18.53 38.21
C GLU B 5 -14.14 20.06 38.15
N THR B 6 -13.26 20.70 38.93
CA THR B 6 -13.21 22.15 38.99
C THR B 6 -12.39 22.72 37.83
N LEU B 7 -11.97 21.85 36.92
CA LEU B 7 -11.19 22.27 35.78
C LEU B 7 -11.88 22.02 34.46
N LYS B 8 -13.20 21.91 34.48
CA LYS B 8 -13.97 21.66 33.27
C LYS B 8 -13.75 22.76 32.23
N SER B 9 -12.78 23.65 32.49
CA SER B 9 -12.45 24.74 31.58
C SER B 9 -11.27 24.31 30.70
N LEU B 10 -11.48 23.23 29.97
CA LEU B 10 -10.45 22.68 29.09
C LEU B 10 -10.24 23.53 27.85
N PRO B 11 -9.22 23.19 27.04
CA PRO B 11 -8.91 23.93 25.81
C PRO B 11 -10.13 24.02 24.89
N ALA B 12 -10.11 24.97 23.98
CA ALA B 12 -11.22 25.17 23.04
C ALA B 12 -11.49 23.93 22.21
N ASN B 13 -10.46 23.16 21.91
CA ASN B 13 -10.63 21.96 21.09
C ASN B 13 -11.21 20.75 21.83
N VAL B 14 -11.42 20.88 23.14
CA VAL B 14 -11.97 19.78 23.94
C VAL B 14 -13.39 20.01 24.41
N GLN B 15 -14.26 19.03 24.17
CA GLN B 15 -15.65 19.11 24.57
C GLN B 15 -15.83 18.63 26.01
N ALA B 16 -16.63 19.34 26.79
CA ALA B 16 -16.87 18.98 28.19
C ALA B 16 -18.17 18.21 28.33
N PRO B 17 -18.40 17.60 29.51
CA PRO B 17 -19.66 16.84 29.67
C PRO B 17 -20.82 17.78 29.32
N PRO B 18 -21.75 17.32 28.47
CA PRO B 18 -22.91 18.12 28.04
C PRO B 18 -24.06 18.18 29.05
N TYR B 19 -23.74 18.43 30.31
CA TYR B 19 -24.74 18.49 31.36
C TYR B 19 -24.09 18.93 32.65
N ASP B 20 -24.90 19.23 33.66
CA ASP B 20 -24.37 19.66 34.95
C ASP B 20 -23.97 18.42 35.74
N ILE B 21 -22.67 18.19 35.81
CA ILE B 21 -22.11 17.04 36.51
C ILE B 21 -22.62 16.88 37.95
N ASP B 22 -22.98 17.99 38.59
CA ASP B 22 -23.46 17.95 39.96
C ASP B 22 -24.89 17.46 40.08
N GLY B 23 -25.62 17.45 38.98
CA GLY B 23 -27.00 17.00 39.01
C GLY B 23 -27.25 15.54 38.67
N ILE B 24 -26.25 14.82 38.20
CA ILE B 24 -26.46 13.42 37.83
C ILE B 24 -26.28 12.49 39.03
N LYS B 25 -27.08 11.43 39.06
CA LYS B 25 -27.02 10.45 40.14
C LYS B 25 -26.92 9.04 39.56
N PRO B 26 -26.26 8.12 40.29
CA PRO B 26 -26.09 6.75 39.81
C PRO B 26 -27.40 5.99 39.57
N GLY B 27 -27.42 5.25 38.47
CA GLY B 27 -28.58 4.45 38.11
C GLY B 27 -28.10 3.14 37.51
N ILE B 28 -26.79 3.08 37.26
CA ILE B 28 -26.13 1.91 36.67
C ILE B 28 -24.87 1.54 37.43
N VAL B 29 -24.67 0.24 37.65
CA VAL B 29 -23.46 -0.23 38.29
C VAL B 29 -22.77 -1.06 37.22
N HIS B 30 -21.51 -0.77 36.93
CA HIS B 30 -20.81 -1.53 35.90
C HIS B 30 -19.61 -2.31 36.41
N PHE B 31 -19.56 -3.59 36.09
CA PHE B 31 -18.45 -4.45 36.48
C PHE B 31 -17.46 -4.50 35.33
N GLY B 32 -16.19 -4.23 35.61
CA GLY B 32 -15.17 -4.27 34.58
C GLY B 32 -15.02 -2.98 33.80
N VAL B 33 -14.32 -2.02 34.40
CA VAL B 33 -14.11 -0.72 33.77
C VAL B 33 -12.93 -0.77 32.80
N GLY B 34 -13.17 -1.32 31.61
CA GLY B 34 -12.13 -1.41 30.61
C GLY B 34 -12.25 -0.34 29.54
N ASN B 35 -11.41 -0.41 28.53
CA ASN B 35 -11.43 0.58 27.46
C ASN B 35 -12.74 0.60 26.67
N PHE B 36 -13.24 -0.57 26.29
CA PHE B 36 -14.48 -0.65 25.50
C PHE B 36 -15.66 -0.01 26.21
N PHE B 37 -15.83 -0.34 27.49
CA PHE B 37 -16.92 0.24 28.29
C PHE B 37 -16.81 1.77 28.31
N ARG B 38 -15.60 2.27 28.50
CA ARG B 38 -15.39 3.72 28.56
C ARG B 38 -15.59 4.46 27.23
N ALA B 39 -15.51 3.74 26.12
CA ALA B 39 -15.69 4.36 24.80
C ALA B 39 -17.01 3.99 24.15
N HIS B 40 -17.73 3.06 24.75
CA HIS B 40 -18.99 2.62 24.18
C HIS B 40 -20.19 2.89 25.12
N GLU B 41 -20.47 1.97 26.04
CA GLU B 41 -21.60 2.15 26.96
C GLU B 41 -21.60 3.51 27.64
N ALA B 42 -20.45 3.88 28.21
CA ALA B 42 -20.31 5.15 28.91
C ALA B 42 -20.50 6.31 27.94
N PHE B 43 -20.08 6.09 26.70
CA PHE B 43 -20.17 7.10 25.65
C PHE B 43 -21.62 7.43 25.33
N TYR B 44 -22.46 6.40 25.27
CA TYR B 44 -23.87 6.58 24.97
C TYR B 44 -24.60 7.18 26.17
N VAL B 45 -24.25 6.73 27.37
CA VAL B 45 -24.87 7.25 28.57
C VAL B 45 -24.58 8.73 28.69
N GLU B 46 -23.36 9.10 28.35
CA GLU B 46 -22.91 10.49 28.40
C GLU B 46 -23.84 11.40 27.61
N GLN B 47 -24.43 10.87 26.55
CA GLN B 47 -25.29 11.66 25.69
C GLN B 47 -26.77 11.72 26.09
N ILE B 48 -27.18 10.94 27.07
CA ILE B 48 -28.59 10.99 27.49
C ILE B 48 -28.75 11.55 28.91
N LEU B 49 -27.64 11.82 29.56
CA LEU B 49 -27.66 12.34 30.93
C LEU B 49 -28.34 13.71 31.02
N GLU B 50 -28.32 14.48 29.95
CA GLU B 50 -28.97 15.78 29.98
C GLU B 50 -30.48 15.60 29.93
N HIS B 51 -30.94 14.44 29.45
CA HIS B 51 -32.36 14.15 29.37
C HIS B 51 -32.83 13.43 30.63
N ALA B 52 -32.00 12.51 31.12
CA ALA B 52 -32.30 11.74 32.32
C ALA B 52 -31.02 11.64 33.14
N PRO B 53 -30.81 12.59 34.07
CA PRO B 53 -29.63 12.65 34.93
C PRO B 53 -29.46 11.53 35.96
N ASP B 54 -30.47 10.68 36.11
CA ASP B 54 -30.39 9.60 37.09
C ASP B 54 -29.81 8.30 36.53
N TRP B 55 -28.86 8.41 35.60
CA TRP B 55 -28.25 7.22 35.03
C TRP B 55 -26.73 7.23 35.05
N ALA B 56 -26.16 7.90 36.05
CA ALA B 56 -24.71 7.95 36.17
C ALA B 56 -24.23 6.52 36.41
N ILE B 57 -22.96 6.27 36.16
CA ILE B 57 -22.42 4.92 36.31
C ILE B 57 -21.42 4.76 37.45
N VAL B 58 -21.61 3.74 38.27
CA VAL B 58 -20.68 3.43 39.35
C VAL B 58 -19.91 2.21 38.87
N GLY B 59 -18.62 2.38 38.61
CA GLY B 59 -17.79 1.28 38.13
C GLY B 59 -17.22 0.44 39.25
N VAL B 60 -17.09 -0.86 39.00
CA VAL B 60 -16.57 -1.80 39.99
C VAL B 60 -15.50 -2.71 39.39
N GLY B 61 -14.32 -2.72 40.01
CA GLY B 61 -13.25 -3.59 39.55
C GLY B 61 -13.30 -4.85 40.40
N LEU B 62 -13.18 -6.02 39.78
CA LEU B 62 -13.25 -7.28 40.53
C LEU B 62 -11.94 -7.69 41.21
N THR B 63 -10.82 -7.15 40.76
CA THR B 63 -9.54 -7.49 41.37
C THR B 63 -9.10 -6.41 42.36
N GLY B 64 -8.15 -6.74 43.22
CA GLY B 64 -7.67 -5.77 44.20
C GLY B 64 -6.16 -5.71 44.29
N SER B 65 -5.50 -6.19 43.25
CA SER B 65 -4.04 -6.21 43.18
C SER B 65 -3.42 -4.82 43.26
N ASP B 66 -2.10 -4.79 43.14
CA ASP B 66 -1.33 -3.55 43.18
C ASP B 66 -1.76 -2.64 42.02
N ARG B 67 -1.87 -3.23 40.83
CA ARG B 67 -2.26 -2.49 39.64
C ARG B 67 -3.68 -1.94 39.78
N SER B 68 -4.57 -2.76 40.33
CA SER B 68 -5.96 -2.34 40.51
C SER B 68 -6.06 -1.09 41.39
N LYS B 69 -5.38 -1.11 42.53
CA LYS B 69 -5.41 0.03 43.45
C LYS B 69 -4.89 1.31 42.80
N LYS B 70 -3.78 1.19 42.08
CA LYS B 70 -3.18 2.34 41.41
C LYS B 70 -4.16 2.91 40.38
N LYS B 71 -4.84 2.03 39.65
CA LYS B 71 -5.81 2.45 38.65
C LYS B 71 -6.96 3.19 39.31
N ALA B 72 -7.47 2.62 40.40
CA ALA B 72 -8.57 3.23 41.13
C ALA B 72 -8.19 4.64 41.57
N GLU B 73 -6.98 4.77 42.12
CA GLU B 73 -6.48 6.05 42.60
C GLU B 73 -6.43 7.11 41.51
N GLU B 74 -5.98 6.73 40.32
CA GLU B 74 -5.90 7.68 39.22
C GLU B 74 -7.26 8.23 38.85
N PHE B 75 -8.26 7.35 38.76
CA PHE B 75 -9.62 7.79 38.43
C PHE B 75 -10.11 8.79 39.48
N LYS B 76 -10.08 8.38 40.74
CA LYS B 76 -10.52 9.21 41.85
C LYS B 76 -9.83 10.57 41.83
N ALA B 77 -8.54 10.57 41.55
CA ALA B 77 -7.74 11.80 41.52
C ALA B 77 -8.15 12.74 40.38
N GLN B 78 -8.91 12.21 39.41
CA GLN B 78 -9.37 13.02 38.29
C GLN B 78 -10.89 13.13 38.38
N ASP B 79 -11.41 12.84 39.57
CA ASP B 79 -12.84 12.88 39.83
C ASP B 79 -13.57 11.98 38.86
N CYS B 80 -12.91 10.88 38.51
CA CYS B 80 -13.42 9.87 37.58
C CYS B 80 -13.63 10.37 36.15
N LEU B 81 -13.05 11.52 35.85
CA LEU B 81 -13.12 12.10 34.53
C LEU B 81 -11.96 11.57 33.69
N TYR B 82 -12.16 11.44 32.38
CA TYR B 82 -11.12 10.98 31.48
C TYR B 82 -11.45 11.47 30.06
N SER B 83 -10.44 11.58 29.23
CA SER B 83 -10.66 12.05 27.87
C SER B 83 -10.82 10.92 26.86
N LEU B 84 -11.70 11.15 25.91
CA LEU B 84 -11.95 10.17 24.85
C LEU B 84 -11.69 10.86 23.51
N THR B 85 -10.74 10.34 22.76
CA THR B 85 -10.41 10.86 21.45
C THR B 85 -11.08 9.95 20.42
N GLU B 86 -11.78 10.55 19.47
CA GLU B 86 -12.49 9.80 18.42
C GLU B 86 -11.81 10.13 17.09
N THR B 87 -11.32 9.09 16.42
CA THR B 87 -10.59 9.26 15.15
C THR B 87 -11.28 8.60 13.97
N ALA B 88 -11.48 9.39 12.91
CA ALA B 88 -12.12 8.91 11.69
C ALA B 88 -11.09 8.47 10.64
N PRO B 89 -11.53 7.68 9.66
CA PRO B 89 -10.64 7.18 8.60
C PRO B 89 -9.93 8.31 7.85
N SER B 90 -10.51 9.49 7.89
CA SER B 90 -9.91 10.64 7.23
C SER B 90 -8.69 11.10 8.00
N GLY B 91 -8.59 10.62 9.24
CA GLY B 91 -7.47 10.99 10.09
C GLY B 91 -7.84 12.13 11.03
N LYS B 92 -9.02 12.70 10.86
CA LYS B 92 -9.46 13.80 11.72
C LYS B 92 -9.94 13.24 13.05
N SER B 93 -9.63 13.94 14.13
CA SER B 93 -10.03 13.48 15.47
C SER B 93 -10.71 14.57 16.29
N THR B 94 -11.49 14.14 17.27
CA THR B 94 -12.18 15.04 18.18
C THR B 94 -11.95 14.48 19.57
N VAL B 95 -11.89 15.36 20.56
CA VAL B 95 -11.65 14.91 21.93
C VAL B 95 -12.66 15.51 22.91
N ARG B 96 -13.14 14.68 23.83
CA ARG B 96 -14.10 15.12 24.82
C ARG B 96 -13.73 14.54 26.18
N VAL B 97 -14.19 15.20 27.24
CA VAL B 97 -13.93 14.73 28.59
C VAL B 97 -15.23 14.15 29.12
N GLY B 99 -17.82 12.30 31.77
CA GLY B 99 -18.15 12.40 33.18
C GLY B 99 -19.22 11.42 33.62
N ALA B 100 -19.67 10.55 32.72
CA ALA B 100 -20.72 9.58 33.04
C ALA B 100 -20.34 8.63 34.17
N LEU B 101 -19.04 8.35 34.32
CA LEU B 101 -18.57 7.45 35.39
C LEU B 101 -18.41 8.30 36.64
N ARG B 102 -19.28 8.09 37.62
CA ARG B 102 -19.25 8.86 38.86
C ARG B 102 -18.40 8.29 39.99
N ASP B 103 -18.10 7.00 39.94
CA ASP B 103 -17.25 6.40 40.98
C ASP B 103 -16.61 5.11 40.48
N TYR B 104 -15.47 4.79 41.06
CA TYR B 104 -14.73 3.58 40.71
C TYR B 104 -14.36 2.84 42.00
N LEU B 105 -15.01 1.71 42.24
CA LEU B 105 -14.73 0.92 43.45
C LEU B 105 -14.01 -0.38 43.17
N LEU B 106 -13.12 -0.76 44.08
CA LEU B 106 -12.41 -2.03 43.96
C LEU B 106 -13.14 -2.95 44.92
N ALA B 107 -13.95 -3.86 44.37
CA ALA B 107 -14.73 -4.78 45.18
C ALA B 107 -14.01 -5.33 46.41
N PRO B 108 -12.83 -5.95 46.22
CA PRO B 108 -12.09 -6.49 47.37
C PRO B 108 -11.93 -5.52 48.52
N ALA B 109 -11.61 -4.27 48.20
CA ALA B 109 -11.43 -3.24 49.23
C ALA B 109 -12.60 -3.18 50.21
N ASP B 110 -13.80 -3.49 49.74
CA ASP B 110 -14.98 -3.44 50.60
C ASP B 110 -16.20 -4.05 49.91
N PRO B 111 -16.41 -5.36 50.04
CA PRO B 111 -17.58 -5.98 49.40
C PRO B 111 -18.91 -5.34 49.77
N GLU B 112 -19.06 -4.94 51.02
CA GLU B 112 -20.30 -4.33 51.47
C GLU B 112 -20.56 -3.03 50.72
N ALA B 113 -19.49 -2.33 50.35
CA ALA B 113 -19.64 -1.07 49.63
C ALA B 113 -20.27 -1.32 48.26
N VAL B 114 -19.85 -2.41 47.62
CA VAL B 114 -20.38 -2.78 46.32
C VAL B 114 -21.86 -3.16 46.44
N LEU B 115 -22.16 -4.03 47.40
CA LEU B 115 -23.53 -4.48 47.61
C LEU B 115 -24.47 -3.33 47.97
N LYS B 116 -23.94 -2.30 48.63
CA LYS B 116 -24.77 -1.17 48.99
C LYS B 116 -25.35 -0.53 47.74
N HIS B 117 -24.50 -0.36 46.72
CA HIS B 117 -24.94 0.21 45.46
C HIS B 117 -25.89 -0.73 44.75
N LEU B 118 -25.50 -2.01 44.73
CA LEU B 118 -26.28 -3.05 44.07
C LEU B 118 -27.71 -3.20 44.58
N VAL B 119 -27.96 -2.86 45.85
CA VAL B 119 -29.30 -2.99 46.42
C VAL B 119 -30.08 -1.68 46.40
N ASP B 120 -29.39 -0.58 46.08
CA ASP B 120 -30.02 0.73 46.02
C ASP B 120 -31.12 0.70 44.96
N PRO B 121 -32.35 1.08 45.34
CA PRO B 121 -33.47 1.08 44.39
C PRO B 121 -33.24 1.98 43.17
N ALA B 122 -32.29 2.91 43.28
CA ALA B 122 -31.98 3.82 42.19
C ALA B 122 -31.23 3.09 41.07
N ILE B 123 -30.52 2.03 41.45
CA ILE B 123 -29.78 1.22 40.48
C ILE B 123 -30.76 0.26 39.82
N ARG B 124 -31.05 0.52 38.55
CA ARG B 124 -32.00 -0.30 37.83
C ARG B 124 -31.34 -1.15 36.73
N ILE B 125 -30.05 -0.94 36.53
CA ILE B 125 -29.30 -1.70 35.53
C ILE B 125 -27.89 -2.04 36.04
N VAL B 126 -27.50 -3.29 35.83
CA VAL B 126 -26.16 -3.73 36.22
C VAL B 126 -25.53 -4.22 34.92
N SER B 127 -24.54 -3.49 34.42
CA SER B 127 -23.88 -3.88 33.18
C SER B 127 -22.51 -4.49 33.43
N THR B 129 -18.51 -5.77 31.33
CA THR B 129 -17.60 -6.07 30.23
C THR B 129 -16.54 -6.86 30.98
N ILE B 130 -16.67 -8.18 30.96
CA ILE B 130 -15.74 -9.05 31.68
C ILE B 130 -15.09 -10.10 30.79
N THR B 131 -15.30 -9.97 29.47
CA THR B 131 -14.78 -10.89 28.46
C THR B 131 -15.55 -12.20 28.48
N GLU B 132 -15.51 -12.95 27.39
CA GLU B 132 -16.22 -14.23 27.32
C GLU B 132 -15.82 -15.20 28.42
N GLY B 133 -14.53 -15.27 28.70
CA GLY B 133 -14.05 -16.18 29.73
C GLY B 133 -14.55 -15.78 31.10
N GLY B 134 -14.99 -14.54 31.22
CA GLY B 134 -15.48 -14.04 32.50
C GLY B 134 -16.81 -14.63 32.95
N TYR B 135 -17.56 -15.22 32.04
CA TYR B 135 -18.86 -15.78 32.40
C TYR B 135 -18.78 -17.19 32.97
N ASN B 136 -17.56 -17.69 33.12
CA ASN B 136 -17.32 -19.00 33.69
C ASN B 136 -18.21 -20.10 33.11
N ILE B 137 -18.22 -20.23 31.79
CA ILE B 137 -19.02 -21.27 31.16
C ILE B 137 -18.10 -22.42 30.77
N ASN B 138 -18.49 -23.64 31.13
CA ASN B 138 -17.70 -24.83 30.80
C ASN B 138 -17.74 -25.07 29.30
N GLU B 139 -16.56 -25.07 28.67
CA GLU B 139 -16.44 -25.27 27.22
C GLU B 139 -17.15 -26.51 26.71
N THR B 140 -16.93 -27.65 27.38
CA THR B 140 -17.52 -28.91 26.96
C THR B 140 -19.05 -28.97 27.05
N THR B 141 -19.58 -28.69 28.23
CA THR B 141 -21.02 -28.74 28.45
C THR B 141 -21.73 -27.42 28.14
N GLY B 142 -21.00 -26.33 28.20
CA GLY B 142 -21.60 -25.03 27.94
C GLY B 142 -22.47 -24.55 29.08
N ALA B 143 -22.30 -25.15 30.26
CA ALA B 143 -23.07 -24.78 31.43
C ALA B 143 -22.18 -24.04 32.41
N PHE B 144 -22.80 -23.31 33.34
CA PHE B 144 -22.07 -22.56 34.34
C PHE B 144 -21.22 -23.53 35.16
N ASP B 145 -19.91 -23.31 35.20
CA ASP B 145 -18.99 -24.19 35.91
C ASP B 145 -18.97 -24.02 37.42
N LEU B 146 -19.65 -24.92 38.13
CA LEU B 146 -19.71 -24.88 39.59
C LEU B 146 -18.41 -25.37 40.24
N GLU B 147 -17.50 -25.94 39.45
CA GLU B 147 -16.24 -26.41 40.01
C GLU B 147 -15.18 -25.31 40.04
N ASN B 148 -15.54 -24.13 39.57
CA ASN B 148 -14.63 -22.99 39.56
C ASN B 148 -14.31 -22.61 41.01
N ALA B 149 -13.02 -22.57 41.33
CA ALA B 149 -12.57 -22.25 42.68
C ALA B 149 -13.23 -21.01 43.27
N ALA B 150 -13.19 -19.89 42.55
CA ALA B 150 -13.78 -18.65 43.03
C ALA B 150 -15.28 -18.84 43.29
N VAL B 151 -15.95 -19.49 42.36
CA VAL B 151 -17.38 -19.75 42.48
C VAL B 151 -17.69 -20.57 43.74
N LYS B 152 -16.94 -21.64 43.96
CA LYS B 152 -17.15 -22.48 45.14
C LYS B 152 -16.99 -21.69 46.44
N ALA B 153 -16.01 -20.79 46.46
CA ALA B 153 -15.76 -19.97 47.64
C ALA B 153 -16.96 -19.07 47.93
N ASP B 154 -17.51 -18.46 46.89
CA ASP B 154 -18.66 -17.59 47.06
C ASP B 154 -19.87 -18.37 47.57
N LEU B 155 -20.03 -19.61 47.09
CA LEU B 155 -21.14 -20.43 47.54
C LEU B 155 -21.07 -20.72 49.03
N LYS B 156 -19.87 -20.81 49.57
CA LYS B 156 -19.69 -21.07 50.99
C LYS B 156 -20.05 -19.84 51.84
N ASN B 157 -19.70 -18.66 51.34
CA ASN B 157 -20.00 -17.41 52.03
C ASN B 157 -20.61 -16.40 51.06
N PRO B 158 -21.81 -16.70 50.54
CA PRO B 158 -22.51 -15.82 49.60
C PRO B 158 -22.82 -14.41 50.11
N GLU B 159 -22.79 -14.21 51.43
CA GLU B 159 -23.08 -12.90 51.98
C GLU B 159 -21.90 -11.93 51.83
N LYS B 160 -20.78 -12.46 51.39
CA LYS B 160 -19.56 -11.66 51.18
C LYS B 160 -18.78 -12.32 50.04
N PRO B 161 -19.33 -12.25 48.81
CA PRO B 161 -18.72 -12.84 47.60
C PRO B 161 -17.59 -12.03 46.97
N SER B 162 -16.91 -12.65 45.99
CA SER B 162 -15.82 -12.00 45.28
C SER B 162 -16.01 -12.05 43.76
N THR B 163 -16.86 -12.95 43.28
CA THR B 163 -17.10 -13.06 41.85
C THR B 163 -18.28 -12.20 41.43
N VAL B 164 -18.34 -11.84 40.16
CA VAL B 164 -19.43 -11.02 39.67
C VAL B 164 -20.76 -11.74 39.90
N PHE B 165 -20.75 -13.06 39.74
CA PHE B 165 -21.97 -13.85 39.94
C PHE B 165 -22.43 -13.73 41.39
N GLY B 166 -21.48 -13.92 42.31
CA GLY B 166 -21.79 -13.83 43.72
C GLY B 166 -22.40 -12.51 44.12
N TYR B 167 -21.85 -11.41 43.61
CA TYR B 167 -22.36 -10.08 43.91
C TYR B 167 -23.76 -9.83 43.35
N VAL B 168 -23.93 -10.08 42.05
CA VAL B 168 -25.21 -9.86 41.40
C VAL B 168 -26.34 -10.66 42.06
N VAL B 169 -26.16 -11.96 42.22
CA VAL B 169 -27.19 -12.82 42.81
C VAL B 169 -27.49 -12.47 44.27
N GLU B 170 -26.46 -12.19 45.06
CA GLU B 170 -26.66 -11.83 46.46
C GLU B 170 -27.43 -10.52 46.54
N ALA B 171 -27.13 -9.61 45.61
CA ALA B 171 -27.81 -8.31 45.59
C ALA B 171 -29.27 -8.53 45.25
N LEU B 172 -29.54 -9.37 44.25
CA LEU B 172 -30.91 -9.66 43.85
C LEU B 172 -31.64 -10.33 45.01
N ARG B 173 -30.93 -11.20 45.73
CA ARG B 173 -31.54 -11.89 46.87
C ARG B 173 -32.01 -10.86 47.89
N ARG B 174 -31.12 -9.94 48.27
CA ARG B 174 -31.43 -8.89 49.24
C ARG B 174 -32.55 -7.98 48.80
N ARG B 175 -32.53 -7.58 47.53
CA ARG B 175 -33.59 -6.73 47.01
C ARG B 175 -34.90 -7.51 47.07
N TRP B 176 -34.84 -8.80 46.75
CA TRP B 176 -36.01 -9.65 46.78
C TRP B 176 -36.60 -9.75 48.19
N ASP B 177 -35.78 -10.16 49.14
CA ASP B 177 -36.21 -10.32 50.53
C ASP B 177 -36.65 -9.01 51.18
N ALA B 178 -36.01 -7.89 50.83
CA ALA B 178 -36.37 -6.60 51.43
C ALA B 178 -37.56 -5.92 50.76
N GLY B 179 -38.14 -6.57 49.75
CA GLY B 179 -39.30 -6.01 49.08
C GLY B 179 -38.96 -5.09 47.92
N GLY B 180 -37.72 -5.16 47.44
CA GLY B 180 -37.30 -4.31 46.33
C GLY B 180 -37.62 -4.90 44.98
N LYS B 181 -37.12 -4.27 43.92
CA LYS B 181 -37.36 -4.73 42.57
C LYS B 181 -36.08 -5.28 41.93
N ALA B 182 -36.23 -6.26 41.05
CA ALA B 182 -35.09 -6.84 40.37
C ALA B 182 -34.57 -5.79 39.38
N PHE B 183 -33.29 -5.84 39.05
CA PHE B 183 -32.73 -4.90 38.10
C PHE B 183 -32.45 -5.63 36.79
N THR B 184 -31.99 -4.89 35.79
CA THR B 184 -31.68 -5.49 34.50
C THR B 184 -30.20 -5.84 34.48
N VAL B 185 -29.88 -7.01 33.93
CA VAL B 185 -28.50 -7.45 33.80
C VAL B 185 -28.18 -7.24 32.32
N SER B 187 -25.24 -7.28 29.63
CA SER B 187 -23.89 -7.59 29.16
C SER B 187 -23.55 -6.76 27.94
N CYS B 188 -22.33 -6.24 27.90
CA CYS B 188 -21.86 -5.45 26.76
C CYS B 188 -20.60 -6.07 26.18
N ASP B 189 -20.45 -7.37 26.41
CA ASP B 189 -19.31 -8.09 25.87
C ASP B 189 -19.73 -8.52 24.49
N ASN B 190 -18.77 -8.53 23.57
CA ASN B 190 -19.05 -8.91 22.19
C ASN B 190 -19.14 -10.42 22.03
N LEU B 191 -20.30 -10.96 22.36
CA LEU B 191 -20.57 -12.41 22.27
C LEU B 191 -21.92 -12.61 21.61
N ARG B 192 -22.08 -13.67 20.80
CA ARG B 192 -23.37 -13.92 20.17
C ARG B 192 -24.39 -14.11 21.29
N HIS B 193 -25.51 -13.38 21.21
CA HIS B 193 -26.55 -13.43 22.24
C HIS B 193 -25.93 -13.34 23.63
N ASN B 194 -25.22 -12.25 23.88
CA ASN B 194 -24.55 -12.03 25.17
C ASN B 194 -25.49 -12.01 26.37
N GLY B 195 -26.75 -11.68 26.13
CA GLY B 195 -27.72 -11.65 27.22
C GLY B 195 -28.05 -13.06 27.66
N ASN B 196 -28.15 -13.98 26.71
CA ASN B 196 -28.44 -15.38 27.01
C ASN B 196 -27.28 -15.98 27.82
N VAL B 197 -26.06 -15.61 27.45
CA VAL B 197 -24.87 -16.10 28.15
C VAL B 197 -24.85 -15.58 29.59
N ALA B 198 -25.23 -14.33 29.76
CA ALA B 198 -25.27 -13.74 31.09
C ALA B 198 -26.35 -14.44 31.92
N ARG B 199 -27.49 -14.72 31.28
CA ARG B 199 -28.59 -15.40 31.93
C ARG B 199 -28.19 -16.80 32.43
N LYS B 200 -27.47 -17.51 31.57
CA LYS B 200 -27.04 -18.86 31.91
C LYS B 200 -26.08 -18.84 33.11
N ALA B 201 -25.18 -17.88 33.12
CA ALA B 201 -24.20 -17.76 34.21
C ALA B 201 -24.83 -17.39 35.56
N PHE B 202 -25.55 -16.28 35.58
CA PHE B 202 -26.17 -15.82 36.82
C PHE B 202 -27.26 -16.75 37.35
N LEU B 203 -28.08 -17.29 36.48
CA LEU B 203 -29.12 -18.22 36.93
C LEU B 203 -28.45 -19.52 37.36
N GLY B 204 -27.28 -19.79 36.79
CA GLY B 204 -26.54 -20.99 37.13
C GLY B 204 -26.05 -20.92 38.56
N TYR B 205 -25.51 -19.77 38.94
CA TYR B 205 -25.02 -19.56 40.29
C TYR B 205 -26.21 -19.48 41.24
N ALA B 206 -27.25 -18.77 40.83
CA ALA B 206 -28.44 -18.61 41.65
C ALA B 206 -29.10 -19.95 41.95
N LYS B 207 -29.22 -20.80 40.93
CA LYS B 207 -29.84 -22.11 41.10
C LYS B 207 -29.07 -22.97 42.09
N ALA B 208 -27.75 -22.84 42.10
CA ALA B 208 -26.93 -23.61 43.02
C ALA B 208 -27.13 -23.04 44.42
N ARG B 209 -27.38 -21.74 44.48
CA ARG B 209 -27.61 -21.03 45.74
C ARG B 209 -28.96 -21.42 46.34
N ASP B 210 -30.02 -21.23 45.55
CA ASP B 210 -31.38 -21.55 45.99
C ASP B 210 -32.35 -21.51 44.82
N PRO B 211 -32.87 -22.68 44.42
CA PRO B 211 -33.83 -22.78 43.31
C PRO B 211 -34.95 -21.75 43.36
N GLU B 212 -35.41 -21.41 44.55
CA GLU B 212 -36.47 -20.43 44.71
C GLU B 212 -35.96 -19.06 44.24
N LEU B 213 -34.71 -18.76 44.59
CA LEU B 213 -34.07 -17.51 44.20
C LEU B 213 -33.86 -17.47 42.69
N ALA B 214 -33.39 -18.57 42.11
CA ALA B 214 -33.19 -18.60 40.67
C ALA B 214 -34.52 -18.33 39.98
N LYS B 215 -35.61 -18.86 40.55
CA LYS B 215 -36.93 -18.67 39.98
C LYS B 215 -37.38 -17.22 39.97
N TRP B 216 -37.17 -16.53 41.10
CA TRP B 216 -37.56 -15.13 41.21
C TRP B 216 -36.75 -14.28 40.23
N ILE B 217 -35.45 -14.54 40.15
CA ILE B 217 -34.59 -13.81 39.25
C ILE B 217 -35.03 -14.06 37.81
N GLU B 218 -35.25 -15.33 37.48
CA GLU B 218 -35.68 -15.72 36.14
C GLU B 218 -36.99 -15.04 35.74
N GLU B 219 -37.87 -14.80 36.70
CA GLU B 219 -39.16 -14.17 36.42
C GLU B 219 -39.18 -12.65 36.54
N ASN B 220 -38.25 -12.09 37.31
CA ASN B 220 -38.24 -10.64 37.53
C ASN B 220 -37.12 -9.85 36.89
N ALA B 221 -35.92 -10.43 36.82
CA ALA B 221 -34.80 -9.73 36.19
C ALA B 221 -34.86 -9.94 34.68
N THR B 222 -34.08 -9.17 33.94
CA THR B 222 -34.05 -9.34 32.49
C THR B 222 -32.61 -9.46 32.03
N PHE B 223 -32.38 -10.14 30.91
CA PHE B 223 -31.02 -10.31 30.39
C PHE B 223 -31.02 -10.01 28.90
N PRO B 224 -31.34 -8.76 28.52
CA PRO B 224 -31.39 -8.34 27.12
C PRO B 224 -30.10 -8.60 26.34
N ASN B 225 -30.26 -9.04 25.09
CA ASN B 225 -29.12 -9.28 24.21
C ASN B 225 -28.85 -7.98 23.51
N GLY B 226 -27.59 -7.73 23.19
CA GLY B 226 -27.25 -6.52 22.48
C GLY B 226 -26.10 -6.83 21.56
N VAL B 228 -22.72 -4.99 20.10
CA VAL B 228 -21.90 -3.82 20.34
C VAL B 228 -20.74 -3.76 19.34
N ASP B 229 -20.39 -2.55 18.91
CA ASP B 229 -19.33 -2.40 17.92
C ASP B 229 -18.65 -1.04 18.00
N ARG B 230 -17.35 -1.07 18.26
CA ARG B 230 -16.49 0.11 18.30
C ARG B 230 -15.06 -0.27 18.64
N ILE B 231 -14.18 -0.15 17.66
CA ILE B 231 -12.77 -0.47 17.83
C ILE B 231 -12.17 0.51 18.83
N THR B 232 -11.59 -0.02 19.90
CA THR B 232 -10.98 0.79 20.96
C THR B 232 -9.69 0.07 21.34
N PRO B 233 -8.58 0.39 20.65
CA PRO B 233 -7.26 -0.22 20.88
C PRO B 233 -6.69 -0.07 22.29
N THR B 234 -5.72 -0.93 22.60
CA THR B 234 -5.05 -0.87 23.89
C THR B 234 -4.32 0.47 23.86
N VAL B 235 -4.18 1.12 25.02
CA VAL B 235 -3.49 2.39 25.05
C VAL B 235 -2.07 2.19 25.56
N SER B 236 -1.09 2.36 24.67
CA SER B 236 0.31 2.21 25.07
C SER B 236 0.79 3.56 25.56
N ALA B 237 1.95 3.58 26.22
CA ALA B 237 2.51 4.82 26.73
C ALA B 237 2.73 5.83 25.61
N GLU B 238 3.24 5.36 24.47
CA GLU B 238 3.48 6.25 23.33
C GLU B 238 2.17 6.84 22.81
N ILE B 239 1.12 6.03 22.76
CA ILE B 239 -0.18 6.49 22.29
C ILE B 239 -0.77 7.52 23.25
N ALA B 240 -0.73 7.22 24.53
CA ALA B 240 -1.26 8.14 25.54
C ALA B 240 -0.56 9.49 25.44
N LYS B 241 0.74 9.46 25.19
CA LYS B 241 1.53 10.68 25.07
C LYS B 241 1.03 11.50 23.88
N LYS B 242 0.80 10.84 22.76
CA LYS B 242 0.32 11.53 21.57
C LYS B 242 -1.09 12.06 21.76
N LEU B 243 -1.91 11.29 22.46
CA LEU B 243 -3.29 11.72 22.72
C LEU B 243 -3.29 13.00 23.56
N ASN B 244 -2.44 13.04 24.57
CA ASN B 244 -2.37 14.20 25.45
C ASN B 244 -1.76 15.41 24.75
N ALA B 245 -0.78 15.17 23.87
CA ALA B 245 -0.15 16.25 23.13
C ALA B 245 -1.18 16.91 22.23
N ALA B 246 -2.09 16.11 21.70
CA ALA B 246 -3.13 16.63 20.83
C ALA B 246 -4.23 17.39 21.60
N SER B 247 -4.70 16.81 22.69
CA SER B 247 -5.76 17.44 23.49
C SER B 247 -5.30 18.59 24.37
N GLY B 248 -4.06 18.53 24.82
CA GLY B 248 -3.56 19.58 25.69
C GLY B 248 -3.93 19.30 27.13
N LEU B 249 -4.29 18.04 27.41
CA LEU B 249 -4.67 17.62 28.76
C LEU B 249 -3.64 16.65 29.34
N ASP B 250 -3.44 16.71 30.66
CA ASP B 250 -2.51 15.82 31.33
C ASP B 250 -3.32 14.67 31.94
N ASP B 251 -3.94 13.91 31.06
CA ASP B 251 -4.81 12.79 31.42
C ASP B 251 -4.01 11.53 31.75
N ASP B 252 -4.34 10.88 32.87
CA ASP B 252 -3.63 9.65 33.25
C ASP B 252 -4.33 8.46 32.60
N LEU B 253 -5.54 8.68 32.09
CA LEU B 253 -6.33 7.60 31.51
C LEU B 253 -6.94 7.94 30.15
N PRO B 254 -6.16 8.52 29.23
CA PRO B 254 -6.75 8.84 27.93
C PRO B 254 -6.95 7.59 27.09
N LEU B 255 -7.97 7.61 26.26
CA LEU B 255 -8.21 6.49 25.37
C LEU B 255 -8.70 7.05 24.04
N VAL B 256 -8.61 6.23 23.00
CA VAL B 256 -9.02 6.63 21.68
C VAL B 256 -9.79 5.50 21.02
N ALA B 257 -10.77 5.86 20.21
CA ALA B 257 -11.60 4.88 19.51
C ALA B 257 -11.95 5.41 18.12
N GLU B 258 -12.41 4.54 17.25
CA GLU B 258 -12.77 4.94 15.89
C GLU B 258 -14.03 5.79 16.01
N ASP B 259 -14.24 6.70 15.06
CA ASP B 259 -15.42 7.56 15.10
C ASP B 259 -16.69 6.73 14.99
N PHE B 260 -16.62 5.64 14.24
CA PHE B 260 -17.79 4.76 14.09
C PHE B 260 -18.15 4.10 15.41
N HIS B 261 -19.45 3.91 15.63
CA HIS B 261 -19.93 3.25 16.83
C HIS B 261 -21.35 2.76 16.60
N GLN B 262 -21.70 1.64 17.23
CA GLN B 262 -23.03 1.09 17.08
C GLN B 262 -23.42 0.26 18.29
N TRP B 263 -24.71 0.31 18.61
CA TRP B 263 -25.27 -0.44 19.73
C TRP B 263 -26.72 -0.77 19.41
N VAL B 264 -26.99 -2.05 19.18
CA VAL B 264 -28.35 -2.52 18.91
C VAL B 264 -28.69 -3.24 20.20
N LEU B 265 -29.77 -2.82 20.86
CA LEU B 265 -30.12 -3.41 22.14
C LEU B 265 -31.57 -3.84 22.24
N GLU B 266 -31.80 -5.04 22.76
CA GLU B 266 -33.16 -5.54 22.92
C GLU B 266 -33.82 -4.75 24.04
N ASP B 267 -35.01 -4.23 23.76
CA ASP B 267 -35.73 -3.44 24.74
C ASP B 267 -36.42 -4.33 25.77
N GLN B 268 -35.63 -4.92 26.66
CA GLN B 268 -36.18 -5.79 27.71
C GLN B 268 -35.53 -5.42 29.03
N PHE B 269 -36.09 -4.42 29.71
CA PHE B 269 -35.54 -3.99 30.99
C PHE B 269 -36.55 -4.25 32.10
N ALA B 270 -36.05 -4.75 33.23
CA ALA B 270 -36.91 -5.08 34.35
C ALA B 270 -37.48 -3.87 35.08
N ASP B 271 -36.70 -2.80 35.18
CA ASP B 271 -37.17 -1.62 35.90
C ASP B 271 -36.75 -0.29 35.28
N GLY B 272 -37.15 -0.07 34.03
CA GLY B 272 -36.82 1.18 33.36
C GLY B 272 -35.43 1.26 32.74
N ARG B 273 -35.25 2.24 31.85
CA ARG B 273 -33.98 2.43 31.18
C ARG B 273 -33.82 3.87 30.71
N PRO B 274 -32.58 4.28 30.38
CA PRO B 274 -32.32 5.64 29.90
C PRO B 274 -32.90 5.73 28.49
N PRO B 275 -33.11 6.95 27.97
CA PRO B 275 -33.66 7.10 26.62
C PRO B 275 -32.50 6.97 25.63
N LEU B 276 -31.88 5.79 25.63
CA LEU B 276 -30.74 5.52 24.75
C LEU B 276 -31.00 5.80 23.28
N GLU B 277 -32.26 5.75 22.84
CA GLU B 277 -32.53 6.03 21.45
C GLU B 277 -32.07 7.46 21.12
N LYS B 278 -32.09 8.33 22.11
CA LYS B 278 -31.68 9.72 21.90
C LYS B 278 -30.18 9.85 21.68
N ALA B 279 -29.44 8.76 21.89
CA ALA B 279 -28.00 8.79 21.70
C ALA B 279 -27.57 7.91 20.54
N GLY B 280 -28.55 7.49 19.73
CA GLY B 280 -28.24 6.64 18.59
C GLY B 280 -28.33 5.16 18.82
N VAL B 281 -28.60 4.72 20.05
CA VAL B 281 -28.71 3.29 20.32
C VAL B 281 -29.97 2.80 19.63
N GLN B 282 -29.88 1.66 18.97
CA GLN B 282 -31.01 1.10 18.24
C GLN B 282 -31.75 0.05 19.07
N VAL B 284 -34.38 -2.64 19.77
CA VAL B 284 -35.08 -3.61 18.95
C VAL B 284 -35.74 -4.68 19.79
N GLY B 285 -36.60 -5.47 19.16
CA GLY B 285 -37.27 -6.54 19.89
C GLY B 285 -36.44 -7.80 19.88
N ASP B 286 -35.62 -7.95 18.85
CA ASP B 286 -34.78 -9.14 18.70
C ASP B 286 -33.47 -8.71 18.03
N VAL B 287 -32.34 -8.98 18.68
CA VAL B 287 -31.02 -8.60 18.16
C VAL B 287 -30.52 -9.53 17.05
N THR B 288 -31.19 -10.67 16.88
CA THR B 288 -30.77 -11.67 15.90
C THR B 288 -30.37 -11.19 14.51
N ASP B 289 -31.24 -10.49 13.80
CA ASP B 289 -30.90 -10.05 12.46
C ASP B 289 -29.67 -9.14 12.42
N TRP B 290 -29.60 -8.16 13.32
CA TRP B 290 -28.45 -7.26 13.35
C TRP B 290 -27.17 -8.02 13.66
N GLU B 291 -27.29 -9.02 14.52
CA GLU B 291 -26.15 -9.84 14.90
C GLU B 291 -25.60 -10.54 13.67
N TYR B 292 -26.49 -11.08 12.84
CA TYR B 292 -26.04 -11.75 11.62
C TYR B 292 -25.41 -10.80 10.62
N VAL B 293 -25.88 -9.55 10.59
CA VAL B 293 -25.31 -8.57 9.68
C VAL B 293 -23.84 -8.32 10.01
N LYS B 294 -23.55 -8.09 11.29
CA LYS B 294 -22.18 -7.83 11.68
C LYS B 294 -21.32 -9.07 11.41
N ILE B 295 -21.79 -10.21 11.89
CA ILE B 295 -21.06 -11.46 11.69
C ILE B 295 -20.80 -11.81 10.21
N ARG B 296 -21.84 -11.75 9.40
CA ARG B 296 -21.71 -12.13 7.99
C ARG B 296 -21.18 -11.09 7.02
N LEU B 298 -19.31 -7.75 8.33
CA LEU B 298 -18.10 -7.18 8.93
C LEU B 298 -17.05 -8.22 9.27
N ASN B 299 -17.42 -9.18 10.10
CA ASN B 299 -16.48 -10.23 10.50
C ASN B 299 -16.04 -11.09 9.33
N ALA B 300 -16.99 -11.54 8.51
CA ALA B 300 -16.68 -12.37 7.36
C ALA B 300 -15.86 -11.58 6.35
N GLY B 301 -16.14 -10.29 6.23
CA GLY B 301 -15.42 -9.46 5.28
C GLY B 301 -14.01 -9.20 5.75
N HIS B 302 -13.83 -9.15 7.06
CA HIS B 302 -12.51 -8.89 7.63
C HIS B 302 -11.52 -9.97 7.19
N VAL B 303 -11.93 -11.23 7.29
CA VAL B 303 -11.05 -12.33 6.87
C VAL B 303 -11.00 -12.49 5.36
N LEU B 305 -10.76 -10.25 3.42
CA LEU B 305 -9.75 -9.27 3.05
C LEU B 305 -8.37 -9.70 3.52
N CYS B 306 -8.28 -10.11 4.79
CA CYS B 306 -7.00 -10.47 5.38
C CYS B 306 -6.34 -11.80 5.01
N PHE B 307 -7.11 -12.84 4.70
CA PHE B 307 -6.48 -14.10 4.32
C PHE B 307 -5.63 -13.88 3.05
N PRO B 308 -6.23 -13.28 2.00
CA PRO B 308 -5.41 -13.06 0.80
C PRO B 308 -4.42 -11.90 1.02
N GLY B 309 -4.72 -11.04 1.99
CA GLY B 309 -3.85 -9.92 2.28
C GLY B 309 -2.54 -10.38 2.90
N ILE B 310 -2.63 -11.41 3.72
CA ILE B 310 -1.47 -12.00 4.37
C ILE B 310 -0.56 -12.62 3.30
N LEU B 311 -1.18 -13.21 2.29
CA LEU B 311 -0.46 -13.85 1.19
C LEU B 311 0.33 -12.81 0.38
N VAL B 312 -0.29 -11.66 0.11
CA VAL B 312 0.38 -10.61 -0.63
C VAL B 312 1.52 -10.06 0.23
N GLY B 313 1.31 -10.06 1.54
CA GLY B 313 2.32 -9.56 2.46
C GLY B 313 1.99 -8.22 3.10
N TYR B 314 0.72 -7.81 3.04
CA TYR B 314 0.33 -6.54 3.63
C TYR B 314 0.43 -6.58 5.15
N GLU B 315 1.09 -5.57 5.71
CA GLU B 315 1.32 -5.48 7.14
C GLU B 315 0.07 -5.31 7.99
N ASN B 316 -0.67 -4.24 7.73
CA ASN B 316 -1.87 -3.98 8.50
C ASN B 316 -3.12 -4.00 7.62
N VAL B 317 -4.29 -4.08 8.25
CA VAL B 317 -5.54 -4.12 7.52
C VAL B 317 -5.71 -2.95 6.56
N ASP B 318 -5.34 -1.74 6.99
CA ASP B 318 -5.50 -0.60 6.11
C ASP B 318 -4.63 -0.70 4.84
N ASP B 319 -3.52 -1.42 4.93
CA ASP B 319 -2.66 -1.59 3.74
C ASP B 319 -3.41 -2.50 2.77
N ALA B 320 -4.09 -3.50 3.33
CA ALA B 320 -4.81 -4.46 2.50
C ALA B 320 -5.99 -3.80 1.80
N ILE B 321 -6.77 -3.02 2.53
CA ILE B 321 -7.95 -2.37 1.95
C ILE B 321 -7.56 -1.37 0.86
N GLU B 322 -6.29 -0.94 0.89
CA GLU B 322 -5.79 -0.01 -0.10
C GLU B 322 -5.48 -0.73 -1.42
N ASP B 323 -5.48 -2.07 -1.38
CA ASP B 323 -5.23 -2.85 -2.59
C ASP B 323 -6.51 -2.86 -3.41
N SER B 324 -6.43 -2.32 -4.62
CA SER B 324 -7.58 -2.23 -5.51
C SER B 324 -8.27 -3.57 -5.78
N GLU B 325 -7.47 -4.61 -5.99
CA GLU B 325 -8.00 -5.93 -6.29
C GLU B 325 -8.65 -6.62 -5.09
N LEU B 326 -8.02 -6.50 -3.91
CA LEU B 326 -8.58 -7.12 -2.72
C LEU B 326 -9.86 -6.39 -2.33
N LEU B 327 -9.85 -5.08 -2.50
CA LEU B 327 -11.01 -4.25 -2.19
C LEU B 327 -12.18 -4.66 -3.09
N GLY B 328 -11.90 -4.74 -4.39
CA GLY B 328 -12.93 -5.12 -5.34
C GLY B 328 -13.52 -6.49 -5.02
N ASN B 329 -12.65 -7.43 -4.70
CA ASN B 329 -13.13 -8.77 -4.38
C ASN B 329 -14.03 -8.76 -3.13
N LEU B 330 -13.64 -8.01 -2.11
CA LEU B 330 -14.42 -7.92 -0.88
C LEU B 330 -15.78 -7.30 -1.17
N LYS B 331 -15.79 -6.31 -2.04
CA LYS B 331 -17.02 -5.63 -2.42
C LYS B 331 -17.92 -6.62 -3.18
N ASN B 332 -17.31 -7.38 -4.09
CA ASN B 332 -18.04 -8.34 -4.89
C ASN B 332 -18.63 -9.46 -4.02
N TYR B 333 -17.85 -9.89 -3.02
CA TYR B 333 -18.28 -10.95 -2.08
C TYR B 333 -19.51 -10.49 -1.31
N LEU B 334 -19.41 -9.32 -0.71
CA LEU B 334 -20.54 -8.79 0.06
C LEU B 334 -21.76 -8.55 -0.85
N ASN B 335 -21.53 -7.97 -2.02
CA ASN B 335 -22.62 -7.68 -2.93
C ASN B 335 -23.32 -8.87 -3.56
N LYS B 336 -22.56 -9.85 -4.01
CA LYS B 336 -23.12 -11.02 -4.68
C LYS B 336 -23.29 -12.29 -3.86
N ASP B 337 -22.52 -12.44 -2.78
CA ASP B 337 -22.63 -13.66 -1.99
C ASP B 337 -23.33 -13.52 -0.64
N VAL B 338 -23.18 -12.36 0.00
CA VAL B 338 -23.78 -12.18 1.30
C VAL B 338 -25.11 -11.43 1.30
N ILE B 339 -25.10 -10.21 0.78
CA ILE B 339 -26.31 -9.39 0.76
C ILE B 339 -27.57 -10.08 0.23
N PRO B 340 -27.45 -10.85 -0.86
CA PRO B 340 -28.63 -11.54 -1.41
C PRO B 340 -29.21 -12.63 -0.53
N THR B 341 -28.44 -13.08 0.47
CA THR B 341 -28.93 -14.15 1.34
C THR B 341 -28.97 -13.69 2.78
N LEU B 342 -29.00 -12.38 2.98
CA LEU B 342 -29.00 -11.80 4.30
C LEU B 342 -30.22 -10.91 4.51
N LYS B 343 -30.93 -11.13 5.62
CA LYS B 343 -32.10 -10.34 5.95
C LYS B 343 -31.69 -8.93 6.37
N ALA B 344 -32.34 -7.91 5.81
CA ALA B 344 -32.01 -6.54 6.14
C ALA B 344 -32.81 -5.97 7.31
N PRO B 345 -32.13 -5.54 8.38
CA PRO B 345 -32.86 -4.98 9.52
C PRO B 345 -33.45 -3.64 9.16
N SER B 346 -34.33 -3.12 10.01
CA SER B 346 -34.98 -1.84 9.78
C SER B 346 -34.01 -0.69 10.05
N GLY B 347 -34.40 0.51 9.63
CA GLY B 347 -33.56 1.68 9.84
C GLY B 347 -32.13 1.51 9.36
N THR B 349 -29.48 0.02 5.71
CA THR B 349 -29.33 -0.52 4.37
C THR B 349 -28.08 -1.41 4.39
N LEU B 350 -28.18 -2.59 3.80
CA LEU B 350 -27.04 -3.51 3.75
C LEU B 350 -25.93 -2.91 2.87
N GLU B 351 -26.31 -2.18 1.82
CA GLU B 351 -25.35 -1.55 0.93
C GLU B 351 -24.64 -0.44 1.73
N GLY B 352 -25.39 0.19 2.63
CA GLY B 352 -24.82 1.25 3.46
C GLY B 352 -23.86 0.65 4.46
N TYR B 353 -24.23 -0.50 5.02
CA TYR B 353 -23.37 -1.18 5.99
C TYR B 353 -22.08 -1.61 5.30
N ARG B 354 -22.20 -2.08 4.06
CA ARG B 354 -21.02 -2.52 3.30
C ARG B 354 -20.03 -1.37 3.12
N ASP B 355 -20.53 -0.19 2.75
CA ASP B 355 -19.63 0.94 2.58
C ASP B 355 -18.98 1.29 3.92
N SER B 356 -19.74 1.14 5.01
CA SER B 356 -19.23 1.40 6.35
C SER B 356 -18.06 0.48 6.67
N VAL B 357 -18.24 -0.82 6.40
CA VAL B 357 -17.20 -1.81 6.63
C VAL B 357 -15.91 -1.43 5.90
N ILE B 358 -16.03 -1.14 4.61
CA ILE B 358 -14.88 -0.79 3.80
C ILE B 358 -14.21 0.48 4.32
N SER B 359 -15.01 1.45 4.70
CA SER B 359 -14.49 2.72 5.22
C SER B 359 -13.71 2.49 6.52
N ARG B 360 -14.33 1.77 7.45
CA ARG B 360 -13.69 1.49 8.73
C ARG B 360 -12.35 0.77 8.61
N PHE B 361 -12.23 -0.12 7.63
CA PHE B 361 -10.98 -0.86 7.42
C PHE B 361 -9.84 0.06 6.97
N SER B 362 -10.20 1.22 6.41
CA SER B 362 -9.19 2.17 5.95
C SER B 362 -8.72 3.11 7.08
N ASN B 363 -9.24 2.92 8.29
CA ASN B 363 -8.86 3.79 9.40
C ASN B 363 -7.45 3.42 9.89
N LYS B 364 -6.43 4.07 9.33
CA LYS B 364 -5.04 3.79 9.69
C LYS B 364 -4.74 3.76 11.19
N ALA B 365 -5.10 4.83 11.89
CA ALA B 365 -4.82 4.92 13.33
C ALA B 365 -5.40 3.78 14.15
N SER B 367 -6.04 0.63 12.87
CA SER B 367 -5.80 -0.64 12.19
C SER B 367 -4.72 -1.52 12.82
N ASP B 368 -4.91 -2.83 12.80
CA ASP B 368 -3.89 -3.72 13.35
C ASP B 368 -3.39 -4.68 12.28
N GLN B 369 -2.50 -5.59 12.67
CA GLN B 369 -1.90 -6.53 11.74
C GLN B 369 -2.87 -7.54 11.11
N THR B 370 -2.75 -7.69 9.80
CA THR B 370 -3.59 -8.64 9.08
C THR B 370 -3.42 -10.03 9.68
N LEU B 371 -2.19 -10.36 10.05
CA LEU B 371 -1.91 -11.66 10.65
C LEU B 371 -2.75 -11.87 11.90
N ARG B 372 -2.98 -10.81 12.65
CA ARG B 372 -3.76 -10.89 13.87
C ARG B 372 -5.23 -11.21 13.58
N ILE B 373 -5.71 -10.75 12.42
CA ILE B 373 -7.09 -10.99 12.01
C ILE B 373 -7.28 -12.47 11.71
N ALA B 374 -6.20 -13.12 11.26
CA ALA B 374 -6.25 -14.54 10.94
C ALA B 374 -6.12 -15.42 12.18
N SER B 375 -5.82 -14.82 13.34
CA SER B 375 -5.70 -15.61 14.56
C SER B 375 -7.01 -16.37 14.81
N ASP B 376 -6.90 -17.66 15.11
CA ASP B 376 -8.04 -18.54 15.32
C ASP B 376 -8.91 -18.46 14.07
N GLY B 377 -8.26 -18.52 12.91
CA GLY B 377 -8.95 -18.47 11.64
C GLY B 377 -9.95 -19.59 11.45
N CYS B 378 -9.66 -20.73 12.07
CA CYS B 378 -10.56 -21.86 11.97
C CYS B 378 -11.95 -21.49 12.48
N SER B 379 -12.02 -20.97 13.70
CA SER B 379 -13.27 -20.59 14.32
C SER B 379 -13.94 -19.43 13.57
N LYS B 380 -13.14 -18.52 13.03
CA LYS B 380 -13.69 -17.40 12.29
C LYS B 380 -14.37 -17.89 11.02
N VAL B 381 -13.77 -18.88 10.37
CA VAL B 381 -14.35 -19.45 9.17
C VAL B 381 -15.65 -20.17 9.54
N GLN B 382 -15.62 -20.96 10.61
CA GLN B 382 -16.82 -21.70 11.03
C GLN B 382 -17.98 -20.77 11.37
N VAL B 383 -17.72 -19.72 12.15
CA VAL B 383 -18.77 -18.78 12.55
C VAL B 383 -19.13 -17.72 11.51
N PHE B 384 -18.14 -17.13 10.85
CA PHE B 384 -18.42 -16.05 9.90
C PHE B 384 -18.77 -16.44 8.47
N TRP B 385 -18.33 -17.60 8.01
CA TRP B 385 -18.55 -18.00 6.63
C TRP B 385 -19.56 -19.09 6.33
N THR B 386 -19.79 -19.97 7.29
CA THR B 386 -20.70 -21.10 7.10
C THR B 386 -22.06 -20.81 6.46
N GLU B 387 -22.83 -19.85 6.98
CA GLU B 387 -24.15 -19.61 6.40
C GLU B 387 -24.06 -19.15 4.93
N THR B 388 -23.12 -18.26 4.64
CA THR B 388 -22.95 -17.81 3.26
C THR B 388 -22.66 -19.01 2.35
N VAL B 389 -21.81 -19.92 2.79
CA VAL B 389 -21.51 -21.09 1.99
C VAL B 389 -22.75 -21.97 1.83
N ARG B 390 -23.40 -22.30 2.94
CA ARG B 390 -24.60 -23.14 2.86
C ARG B 390 -25.64 -22.53 1.91
N ARG B 391 -25.88 -21.24 2.04
CA ARG B 391 -26.83 -20.55 1.17
C ARG B 391 -26.45 -20.58 -0.29
N ALA B 392 -25.16 -20.42 -0.59
CA ALA B 392 -24.70 -20.43 -1.98
C ALA B 392 -24.94 -21.79 -2.63
N ILE B 393 -24.61 -22.85 -1.89
CA ILE B 393 -24.79 -24.20 -2.41
C ILE B 393 -26.27 -24.47 -2.61
N GLU B 394 -27.08 -24.12 -1.61
CA GLU B 394 -28.52 -24.34 -1.65
C GLU B 394 -29.25 -23.53 -2.72
N ASP B 395 -28.88 -22.27 -2.88
CA ASP B 395 -29.53 -21.41 -3.86
C ASP B 395 -28.93 -21.55 -5.26
N LYS B 396 -27.92 -22.39 -5.39
CA LYS B 396 -27.24 -22.63 -6.65
C LYS B 396 -26.58 -21.36 -7.20
N ARG B 397 -25.88 -20.62 -6.35
CA ARG B 397 -25.20 -19.39 -6.74
C ARG B 397 -23.78 -19.68 -7.25
N ASP B 398 -23.23 -18.73 -8.00
CA ASP B 398 -21.89 -18.84 -8.59
C ASP B 398 -20.88 -19.69 -7.82
N LEU B 399 -20.44 -19.21 -6.66
CA LEU B 399 -19.46 -19.91 -5.79
C LEU B 399 -17.99 -19.55 -5.99
N SER B 400 -17.67 -18.80 -7.04
CA SER B 400 -16.28 -18.45 -7.32
C SER B 400 -15.54 -17.70 -6.21
N ARG B 401 -16.15 -16.65 -5.67
CA ARG B 401 -15.52 -15.86 -4.62
C ARG B 401 -15.44 -16.65 -3.33
N ILE B 402 -16.49 -17.42 -3.03
CA ILE B 402 -16.52 -18.23 -1.83
C ILE B 402 -15.35 -19.22 -1.87
N ALA B 403 -15.17 -19.86 -3.02
CA ALA B 403 -14.07 -20.81 -3.20
C ALA B 403 -12.73 -20.08 -3.01
N PHE B 404 -12.62 -18.90 -3.60
CA PHE B 404 -11.39 -18.11 -3.50
C PHE B 404 -11.06 -17.83 -2.04
N GLY B 405 -12.08 -17.52 -1.26
CA GLY B 405 -11.87 -17.24 0.14
C GLY B 405 -11.33 -18.46 0.87
N ILE B 406 -11.87 -19.62 0.55
CA ILE B 406 -11.44 -20.88 1.17
C ILE B 406 -10.03 -21.21 0.70
N ALA B 407 -9.79 -21.01 -0.59
CA ALA B 407 -8.46 -21.27 -1.16
C ALA B 407 -7.39 -20.34 -0.56
N SER B 408 -7.75 -19.07 -0.34
CA SER B 408 -6.78 -18.14 0.25
C SER B 408 -6.47 -18.56 1.68
N TYR B 409 -7.50 -18.95 2.43
CA TYR B 409 -7.30 -19.39 3.80
C TYR B 409 -6.34 -20.56 3.86
N LEU B 410 -6.55 -21.57 3.02
CA LEU B 410 -5.69 -22.74 3.02
C LEU B 410 -4.27 -22.44 2.56
N GLU B 411 -4.10 -21.61 1.54
CA GLU B 411 -2.77 -21.25 1.08
C GLU B 411 -2.06 -20.40 2.14
N LEU B 413 -2.34 -20.66 5.36
CA LEU B 413 -1.88 -21.53 6.43
C LEU B 413 -0.46 -22.08 6.22
N ARG B 414 -0.05 -22.16 4.96
CA ARG B 414 1.27 -22.68 4.62
C ARG B 414 2.41 -21.88 5.26
N GLY B 415 2.11 -20.68 5.73
CA GLY B 415 3.11 -19.88 6.42
C GLY B 415 4.10 -19.01 5.66
N ARG B 416 3.88 -18.75 4.38
CA ARG B 416 4.80 -17.89 3.65
C ARG B 416 4.10 -16.95 2.69
N ASP B 417 4.54 -15.69 2.68
CA ASP B 417 3.94 -14.67 1.81
C ASP B 417 4.77 -14.37 0.56
N GLU B 418 4.12 -13.71 -0.39
CA GLU B 418 4.74 -13.35 -1.66
C GLU B 418 5.86 -12.32 -1.58
N LYS B 419 6.24 -11.92 -0.38
CA LYS B 419 7.33 -10.97 -0.18
C LYS B 419 8.54 -11.75 0.36
N GLY B 420 8.39 -13.06 0.47
CA GLY B 420 9.46 -13.89 0.97
C GLY B 420 9.42 -14.07 2.47
N GLY B 421 8.49 -13.38 3.11
CA GLY B 421 8.38 -13.49 4.56
C GLY B 421 7.79 -14.81 5.01
N THR B 422 8.04 -15.14 6.28
CA THR B 422 7.51 -16.37 6.86
C THR B 422 6.76 -15.93 8.10
N TYR B 423 5.71 -16.68 8.43
CA TYR B 423 4.90 -16.35 9.60
C TYR B 423 4.21 -17.62 10.07
N GLU B 424 3.57 -17.54 11.23
CA GLU B 424 2.86 -18.68 11.78
C GLU B 424 1.57 -18.13 12.40
N SER B 425 0.47 -18.19 11.66
CA SER B 425 -0.78 -17.69 12.19
C SER B 425 -1.17 -18.53 13.40
N SER B 426 -1.94 -17.93 14.30
CA SER B 426 -2.39 -18.60 15.50
C SER B 426 -3.66 -19.42 15.20
N GLU B 427 -3.63 -20.70 15.56
CA GLU B 427 -4.76 -21.60 15.38
C GLU B 427 -4.75 -22.52 16.60
N PRO B 428 -5.27 -22.03 17.73
CA PRO B 428 -5.35 -22.75 19.00
C PRO B 428 -6.07 -24.10 18.97
N THR B 429 -7.05 -24.26 18.09
CA THR B 429 -7.78 -25.52 18.04
C THR B 429 -7.07 -26.57 17.22
N TYR B 430 -6.01 -26.16 16.51
CA TYR B 430 -5.25 -27.08 15.68
C TYR B 430 -4.14 -27.76 16.46
N GLY B 431 -4.12 -29.08 16.37
CA GLY B 431 -3.09 -29.86 17.03
C GLY B 431 -2.16 -30.38 15.96
N ASP B 432 -1.23 -31.25 16.32
CA ASP B 432 -0.28 -31.80 15.35
C ASP B 432 -0.92 -32.32 14.06
N ALA B 433 -2.02 -33.05 14.20
CA ALA B 433 -2.71 -33.60 13.04
C ALA B 433 -3.22 -32.50 12.09
N GLU B 434 -3.86 -31.49 12.65
CA GLU B 434 -4.39 -30.39 11.84
C GLU B 434 -3.26 -29.69 11.08
N TRP B 435 -2.24 -29.25 11.80
CA TRP B 435 -1.11 -28.56 11.19
C TRP B 435 -0.42 -29.36 10.10
N LYS B 436 -0.39 -30.67 10.25
CA LYS B 436 0.26 -31.53 9.25
C LYS B 436 -0.49 -31.45 7.91
N LEU B 437 -1.81 -31.36 7.97
CA LEU B 437 -2.62 -31.25 6.75
C LEU B 437 -2.46 -29.83 6.19
N ALA B 438 -2.52 -28.86 7.09
CA ALA B 438 -2.41 -27.45 6.73
C ALA B 438 -1.14 -27.19 5.93
N LYS B 439 -0.02 -27.75 6.37
CA LYS B 439 1.24 -27.53 5.68
C LYS B 439 1.47 -28.52 4.53
N ALA B 440 0.58 -29.50 4.41
CA ALA B 440 0.70 -30.51 3.36
C ALA B 440 1.09 -29.84 2.05
N ASP B 441 1.93 -30.53 1.28
CA ASP B 441 2.40 -30.01 0.01
C ASP B 441 1.31 -30.04 -1.06
N ASP B 442 0.41 -31.02 -0.98
CA ASP B 442 -0.67 -31.16 -1.94
C ASP B 442 -1.69 -30.02 -1.88
N PHE B 443 -2.74 -30.14 -2.69
CA PHE B 443 -3.77 -29.13 -2.76
C PHE B 443 -5.14 -29.64 -2.26
N GLU B 444 -5.19 -30.88 -1.78
CA GLU B 444 -6.45 -31.46 -1.31
C GLU B 444 -6.53 -31.79 0.18
N SER B 445 -5.40 -32.17 0.78
CA SER B 445 -5.40 -32.56 2.18
C SER B 445 -6.07 -31.59 3.16
N SER B 446 -5.73 -30.31 3.06
CA SER B 446 -6.29 -29.33 3.99
C SER B 446 -7.79 -29.05 3.87
N LEU B 447 -8.45 -29.64 2.86
CA LEU B 447 -9.89 -29.45 2.72
C LEU B 447 -10.57 -30.21 3.87
N LYS B 448 -9.81 -31.10 4.51
CA LYS B 448 -10.32 -31.88 5.63
C LYS B 448 -10.26 -31.15 6.95
N LEU B 449 -9.66 -29.95 6.96
CA LEU B 449 -9.55 -29.18 8.19
C LEU B 449 -10.94 -28.89 8.77
N PRO B 450 -11.05 -28.81 10.11
CA PRO B 450 -12.29 -28.55 10.85
C PRO B 450 -13.02 -27.26 10.47
N ALA B 451 -12.28 -26.31 9.89
CA ALA B 451 -12.82 -25.02 9.50
C ALA B 451 -14.03 -25.06 8.57
N PHE B 452 -14.15 -26.14 7.80
CA PHE B 452 -15.26 -26.24 6.84
C PHE B 452 -16.34 -27.26 7.22
N ASP B 453 -16.31 -27.74 8.45
CA ASP B 453 -17.27 -28.74 8.94
C ASP B 453 -18.73 -28.31 8.89
N GLY B 454 -18.95 -27.00 8.92
CA GLY B 454 -20.31 -26.46 8.90
C GLY B 454 -21.13 -26.65 7.63
N TRP B 455 -20.50 -27.11 6.54
CA TRP B 455 -21.24 -27.31 5.30
C TRP B 455 -20.93 -28.63 4.62
N ARG B 456 -20.24 -29.51 5.34
CA ARG B 456 -19.84 -30.80 4.80
C ARG B 456 -21.00 -31.76 4.50
N ASP B 457 -22.15 -31.55 5.14
CA ASP B 457 -23.32 -32.39 4.91
C ASP B 457 -23.97 -32.14 3.56
N LEU B 458 -23.72 -30.97 2.97
CA LEU B 458 -24.29 -30.63 1.67
C LEU B 458 -23.42 -31.25 0.59
N ASP B 459 -23.82 -31.12 -0.68
CA ASP B 459 -23.00 -31.67 -1.74
C ASP B 459 -21.93 -30.62 -2.05
N THR B 460 -20.72 -30.86 -1.54
CA THR B 460 -19.60 -29.94 -1.72
C THR B 460 -18.69 -30.27 -2.90
N SER B 461 -19.11 -31.20 -3.76
CA SER B 461 -18.30 -31.61 -4.91
C SER B 461 -17.81 -30.46 -5.79
N GLU B 462 -18.74 -29.66 -6.31
CA GLU B 462 -18.37 -28.53 -7.16
C GLU B 462 -17.53 -27.48 -6.44
N LEU B 463 -17.90 -27.17 -5.20
CA LEU B 463 -17.14 -26.19 -4.41
C LEU B 463 -15.68 -26.64 -4.20
N ASP B 464 -15.51 -27.86 -3.71
CA ASP B 464 -14.17 -28.37 -3.46
C ASP B 464 -13.27 -28.42 -4.71
N GLN B 465 -13.86 -28.70 -5.86
CA GLN B 465 -13.08 -28.78 -7.09
C GLN B 465 -12.65 -27.37 -7.53
N LYS B 466 -13.52 -26.40 -7.28
CA LYS B 466 -13.21 -25.02 -7.61
C LYS B 466 -12.13 -24.50 -6.65
N VAL B 467 -12.18 -24.96 -5.41
CA VAL B 467 -11.20 -24.55 -4.41
C VAL B 467 -9.81 -25.02 -4.83
N ILE B 468 -9.72 -26.31 -5.17
CA ILE B 468 -8.45 -26.90 -5.60
C ILE B 468 -7.90 -26.16 -6.83
N VAL B 469 -8.77 -25.90 -7.80
CA VAL B 469 -8.35 -25.20 -9.01
C VAL B 469 -7.74 -23.84 -8.67
N LEU B 470 -8.34 -23.12 -7.72
CA LEU B 470 -7.85 -21.81 -7.32
C LEU B 470 -6.57 -21.88 -6.50
N ARG B 471 -6.45 -22.91 -5.64
CA ARG B 471 -5.25 -23.04 -4.83
C ARG B 471 -4.02 -23.20 -5.73
N LYS B 472 -4.18 -23.96 -6.80
CA LYS B 472 -3.08 -24.19 -7.73
C LYS B 472 -2.65 -22.89 -8.40
N ILE B 473 -3.62 -22.07 -8.77
CA ILE B 473 -3.34 -20.78 -9.40
C ILE B 473 -2.60 -19.87 -8.42
N ILE B 474 -3.06 -19.85 -7.17
CA ILE B 474 -2.45 -19.02 -6.15
C ILE B 474 -0.98 -19.39 -5.93
N ARG B 475 -0.72 -20.68 -5.71
CA ARG B 475 0.64 -21.11 -5.46
C ARG B 475 1.58 -20.87 -6.64
N GLU B 476 1.04 -20.79 -7.85
CA GLU B 476 1.85 -20.59 -9.03
C GLU B 476 1.93 -19.15 -9.53
N LYS B 477 0.79 -18.51 -9.70
CA LYS B 477 0.74 -17.14 -10.20
C LYS B 477 0.60 -16.05 -9.14
N GLY B 478 0.35 -16.45 -7.90
CA GLY B 478 0.17 -15.45 -6.84
C GLY B 478 -1.31 -15.34 -6.51
N VAL B 479 -1.64 -15.04 -5.26
CA VAL B 479 -3.04 -14.95 -4.85
C VAL B 479 -3.92 -14.06 -5.71
N LYS B 480 -3.45 -12.86 -6.04
CA LYS B 480 -4.24 -11.94 -6.84
C LYS B 480 -4.60 -12.50 -8.21
N ALA B 481 -3.81 -13.48 -8.67
CA ALA B 481 -4.06 -14.10 -9.96
C ALA B 481 -5.32 -14.97 -9.92
N ALA B 482 -5.67 -15.42 -8.73
CA ALA B 482 -6.84 -16.28 -8.55
C ALA B 482 -8.12 -15.52 -8.21
N ILE B 483 -8.04 -14.19 -8.17
CA ILE B 483 -9.23 -13.38 -7.86
C ILE B 483 -10.22 -13.46 -9.01
N PRO B 484 -11.47 -13.88 -8.72
CA PRO B 484 -12.49 -13.97 -9.77
C PRO B 484 -12.88 -12.63 -10.39
#